data_5TF5
#
_entry.id   5TF5
#
_cell.length_a   88.883
_cell.length_b   99.275
_cell.length_c   107.923
_cell.angle_alpha   90.00
_cell.angle_beta   90.00
_cell.angle_gamma   90.00
#
_symmetry.space_group_name_H-M   'P 21 21 21'
#
loop_
_entity.id
_entity.type
_entity.pdbx_description
1 polymer 'Kynurenine/alpha-aminoadipate aminotransferase, mitochondrial'
2 non-polymer '(2R)-2-(5,6-dichloro-1,3-dioxo-1,3-dihydro-2H-isoindol-2-yl)-3-phenylpropanoic acid'
3 water water
#
_entity_poly.entity_id   1
_entity_poly.type   'polypeptide(L)'
_entity_poly.pdbx_seq_one_letter_code
;MNYARFITAASAARNPSPIRTMTDILSRGPKSMISLAGGLPNPNMFPFKTAVITVENGKTIQFGEEMMKRALQYSPSAGI
PELLSWLKQLQIKLHNPPTIHYPPSQGQMDLCVTSGSQQGLCKVFEMIINPGDNVLLDEPAYSGTLQSLHPLGCNIINVA
SDESGIVPDSLRDILSRWKPEDAKNPQKNTPKFLYTVPNGNNPTGNSLTSERKKEIYELARKYDFLIIEDDPYYFLQFNK
FRVPTFLSMDVDGRVIRADSFS(LLP)IISSGLRIGFLTGPKPLIERVILHIQVSTLHPSTFNQLMISQLLHEWGEEGFM
AHVDRVIDFYSNQKDAILAAADKWLTGLAEWHVPAAGMFLWIKVKGINDVKELIEEKAVKMGVLMLPGNAFYVDSSAPSP
YLRASFSSASPEQMDVAFQVLAQLIKESL
;
_entity_poly.pdbx_strand_id   A,B
#
loop_
_chem_comp.id
_chem_comp.type
_chem_comp.name
_chem_comp.formula
7AR non-polymer '(2R)-2-(5,6-dichloro-1,3-dioxo-1,3-dihydro-2H-isoindol-2-yl)-3-phenylpropanoic acid' 'C17 H11 Cl2 N O4'
#
# COMPACT_ATOMS: atom_id res chain seq x y z
N MET A 1 -4.51 18.81 -20.62
CA MET A 1 -3.70 19.53 -21.63
C MET A 1 -2.38 20.07 -21.02
N ASN A 2 -2.38 20.58 -19.78
CA ASN A 2 -1.15 20.94 -19.07
C ASN A 2 -1.10 20.19 -17.73
N TYR A 3 -0.48 19.01 -17.73
CA TYR A 3 -0.54 18.15 -16.55
C TYR A 3 0.37 18.62 -15.42
N ALA A 4 1.43 19.37 -15.72
CA ALA A 4 2.28 19.91 -14.67
C ALA A 4 1.48 20.69 -13.64
N ARG A 5 0.40 21.34 -14.07
CA ARG A 5 -0.45 22.10 -13.14
C ARG A 5 -1.04 21.21 -12.04
N PHE A 6 -1.17 19.91 -12.29
CA PHE A 6 -1.82 19.00 -11.37
C PHE A 6 -0.85 18.06 -10.66
N ILE A 7 0.45 18.38 -10.66
CA ILE A 7 1.49 17.53 -10.08
C ILE A 7 2.30 18.40 -9.13
N THR A 8 2.36 18.00 -7.86
CA THR A 8 3.13 18.71 -6.85
C THR A 8 4.63 18.65 -7.17
N ALA A 9 5.38 19.54 -6.49
CA ALA A 9 6.82 19.50 -6.61
C ALA A 9 7.36 18.13 -6.20
N ALA A 10 6.91 17.62 -5.05
CA ALA A 10 7.39 16.32 -4.58
C ALA A 10 7.08 15.21 -5.57
N SER A 11 5.82 15.14 -6.01
CA SER A 11 5.42 14.13 -6.98
C SER A 11 6.22 14.23 -8.27
N ALA A 12 6.41 15.46 -8.78
CA ALA A 12 7.17 15.65 -10.00
C ALA A 12 8.63 15.24 -9.83
N ALA A 13 9.15 15.32 -8.60
CA ALA A 13 10.56 14.99 -8.35
C ALA A 13 10.83 13.50 -8.39
N ARG A 14 9.81 12.64 -8.34
CA ARG A 14 10.04 11.21 -8.30
C ARG A 14 10.73 10.72 -9.57
N ASN A 15 11.62 9.74 -9.41
CA ASN A 15 12.33 9.07 -10.49
C ASN A 15 12.08 7.56 -10.44
N PRO A 16 12.22 6.87 -11.57
CA PRO A 16 11.87 5.43 -11.60
C PRO A 16 12.78 4.55 -10.74
N SER A 17 12.16 3.60 -10.01
CA SER A 17 12.76 2.93 -8.86
C SER A 17 12.83 1.40 -9.05
N PRO A 18 13.23 0.60 -8.00
CA PRO A 18 14.01 -0.63 -8.26
C PRO A 18 13.32 -1.73 -9.07
N ILE A 19 13.98 -2.89 -9.12
CA ILE A 19 13.60 -4.01 -9.96
C ILE A 19 13.60 -3.53 -11.41
N ARG A 20 14.70 -2.90 -11.82
CA ARG A 20 14.75 -2.17 -13.09
C ARG A 20 15.44 -2.97 -14.18
N THR A 21 16.61 -2.52 -14.64
CA THR A 21 17.28 -3.09 -15.80
C THR A 21 17.89 -4.45 -15.47
N MET A 22 17.05 -5.41 -15.09
CA MET A 22 17.51 -6.76 -14.76
C MET A 22 16.64 -7.81 -15.44
N THR A 23 15.33 -7.64 -15.36
CA THR A 23 14.37 -8.57 -15.95
C THR A 23 13.71 -7.98 -17.20
N ASP A 24 14.42 -7.10 -17.89
CA ASP A 24 14.00 -6.58 -19.19
C ASP A 24 15.09 -6.70 -20.24
N ILE A 25 16.34 -6.45 -19.88
CA ILE A 25 17.45 -6.78 -20.78
C ILE A 25 17.67 -8.29 -20.83
N LEU A 26 17.16 -9.01 -19.82
CA LEU A 26 17.15 -10.47 -19.84
C LEU A 26 15.84 -11.05 -20.37
N SER A 27 14.79 -10.24 -20.44
CA SER A 27 13.50 -10.67 -20.98
C SER A 27 13.43 -10.55 -22.50
N ARG A 28 14.53 -10.15 -23.15
CA ARG A 28 14.58 -10.09 -24.61
C ARG A 28 15.90 -10.59 -25.18
N GLY A 29 16.99 -10.63 -24.41
CA GLY A 29 18.25 -11.09 -24.90
C GLY A 29 18.28 -12.61 -25.04
N PRO A 30 19.44 -13.14 -25.43
CA PRO A 30 19.58 -14.59 -25.56
C PRO A 30 19.51 -15.28 -24.20
N LYS A 31 19.10 -16.56 -24.24
CA LYS A 31 19.01 -17.35 -23.03
C LYS A 31 20.34 -17.89 -22.56
N SER A 32 21.43 -17.64 -23.29
CA SER A 32 22.77 -17.92 -22.83
C SER A 32 23.34 -16.79 -21.99
N MET A 33 22.53 -15.79 -21.67
CA MET A 33 22.99 -14.61 -20.95
C MET A 33 22.94 -14.87 -19.45
N ILE A 34 24.08 -14.77 -18.80
CA ILE A 34 24.17 -14.89 -17.35
C ILE A 34 23.99 -13.52 -16.73
N SER A 35 23.19 -13.45 -15.67
CA SER A 35 22.98 -12.20 -14.95
C SER A 35 23.16 -12.44 -13.47
N LEU A 36 24.18 -11.82 -12.88
CA LEU A 36 24.30 -11.68 -11.44
C LEU A 36 23.93 -10.27 -10.98
N ALA A 37 23.23 -9.51 -11.83
CA ALA A 37 22.83 -8.16 -11.50
C ALA A 37 21.50 -8.11 -10.77
N GLY A 38 20.72 -9.18 -10.81
CA GLY A 38 19.38 -9.16 -10.26
C GLY A 38 19.37 -9.17 -8.75
N GLY A 39 18.28 -8.67 -8.19
CA GLY A 39 18.13 -8.61 -6.76
C GLY A 39 17.10 -9.58 -6.20
N LEU A 40 16.74 -10.56 -6.91
CA LEU A 40 15.60 -11.33 -6.42
C LEU A 40 16.03 -12.41 -5.43
N PRO A 41 15.30 -12.61 -4.34
CA PRO A 41 15.63 -13.72 -3.43
C PRO A 41 15.24 -15.05 -4.06
N ASN A 42 15.87 -16.12 -3.59
CA ASN A 42 15.67 -17.42 -4.24
C ASN A 42 14.31 -17.99 -3.86
N PRO A 43 13.37 -18.09 -4.80
CA PRO A 43 12.02 -18.56 -4.45
C PRO A 43 11.96 -20.01 -4.02
N ASN A 44 13.04 -20.77 -4.21
CA ASN A 44 13.02 -22.17 -3.81
C ASN A 44 13.02 -22.33 -2.30
N MET A 45 13.46 -21.31 -1.55
CA MET A 45 13.38 -21.37 -0.09
C MET A 45 11.96 -21.11 0.41
N PHE A 46 11.09 -20.51 -0.40
CA PHE A 46 9.75 -20.18 0.05
C PHE A 46 8.96 -21.46 0.32
N PRO A 47 8.21 -21.53 1.43
CA PRO A 47 7.65 -22.83 1.85
C PRO A 47 6.35 -23.25 1.18
N PHE A 48 5.56 -22.34 0.61
CA PHE A 48 4.34 -22.75 -0.08
C PHE A 48 4.70 -23.25 -1.47
N LYS A 49 4.19 -24.43 -1.85
CA LYS A 49 4.65 -25.10 -3.07
C LYS A 49 3.59 -25.25 -4.15
N THR A 50 2.34 -25.53 -3.80
CA THR A 50 1.29 -25.61 -4.79
C THR A 50 -0.01 -25.08 -4.19
N ALA A 51 -0.97 -24.78 -5.06
CA ALA A 51 -2.27 -24.33 -4.58
C ALA A 51 -3.36 -24.83 -5.51
N VAL A 52 -4.50 -25.15 -4.90
CA VAL A 52 -5.73 -25.49 -5.59
C VAL A 52 -6.84 -24.64 -4.99
N ILE A 53 -7.45 -23.78 -5.81
CA ILE A 53 -8.51 -22.90 -5.35
C ILE A 53 -9.76 -23.23 -6.16
N THR A 54 -10.82 -23.58 -5.46
CA THR A 54 -12.07 -23.96 -6.11
C THR A 54 -12.92 -22.73 -6.32
N VAL A 55 -13.63 -22.72 -7.45
CA VAL A 55 -14.38 -21.55 -7.89
C VAL A 55 -15.83 -21.99 -8.15
N GLU A 56 -16.77 -21.13 -7.79
CA GLU A 56 -18.17 -21.39 -8.05
C GLU A 56 -18.53 -20.85 -9.43
N ASN A 57 -19.10 -21.71 -10.27
CA ASN A 57 -19.35 -21.38 -11.66
C ASN A 57 -18.04 -21.08 -12.39
N GLY A 58 -17.04 -21.91 -12.12
CA GLY A 58 -15.75 -21.72 -12.76
C GLY A 58 -14.87 -22.94 -12.61
N LYS A 59 -13.94 -23.06 -13.53
CA LYS A 59 -12.90 -24.09 -13.43
C LYS A 59 -12.07 -23.83 -12.19
N THR A 60 -11.74 -24.89 -11.47
CA THR A 60 -10.81 -24.74 -10.36
C THR A 60 -9.50 -24.15 -10.86
N ILE A 61 -8.85 -23.36 -10.00
CA ILE A 61 -7.59 -22.70 -10.33
C ILE A 61 -6.46 -23.44 -9.63
N GLN A 62 -5.45 -23.83 -10.41
CA GLN A 62 -4.33 -24.63 -9.92
C GLN A 62 -3.04 -23.84 -10.14
N PHE A 63 -2.29 -23.61 -9.06
CA PHE A 63 -0.93 -23.08 -9.16
C PHE A 63 0.00 -24.27 -9.02
N GLY A 64 0.54 -24.75 -10.14
CA GLY A 64 1.56 -25.76 -10.11
C GLY A 64 2.86 -25.18 -9.57
N GLU A 65 3.91 -26.01 -9.65
CA GLU A 65 5.19 -25.63 -9.04
C GLU A 65 5.69 -24.29 -9.57
N GLU A 66 5.80 -24.14 -10.88
CA GLU A 66 6.37 -22.92 -11.44
C GLU A 66 5.43 -21.73 -11.24
N MET A 67 4.12 -21.93 -11.42
CA MET A 67 3.17 -20.85 -11.19
C MET A 67 3.23 -20.35 -9.75
N MET A 68 3.38 -21.27 -8.79
CA MET A 68 3.47 -20.86 -7.40
C MET A 68 4.72 -20.03 -7.14
N LYS A 69 5.86 -20.44 -7.73
CA LYS A 69 7.08 -19.67 -7.57
C LYS A 69 6.89 -18.25 -8.10
N ARG A 70 6.19 -18.11 -9.22
CA ARG A 70 5.90 -16.77 -9.71
C ARG A 70 5.00 -16.03 -8.74
N ALA A 71 3.97 -16.71 -8.22
CA ALA A 71 3.03 -16.07 -7.31
C ALA A 71 3.70 -15.55 -6.05
N LEU A 72 4.83 -16.13 -5.65
CA LEU A 72 5.49 -15.83 -4.40
C LEU A 72 6.64 -14.84 -4.55
N GLN A 73 6.85 -14.30 -5.75
CA GLN A 73 7.99 -13.45 -6.05
C GLN A 73 7.51 -12.08 -6.51
N TYR A 74 8.41 -11.09 -6.44
CA TYR A 74 8.11 -9.72 -6.89
C TYR A 74 7.54 -9.69 -8.31
N SER A 75 6.78 -8.64 -8.62
CA SER A 75 6.22 -8.44 -9.95
C SER A 75 6.12 -6.95 -10.20
N PRO A 76 5.77 -6.53 -11.42
CA PRO A 76 5.86 -5.11 -11.78
C PRO A 76 4.93 -4.23 -10.96
N SER A 77 5.38 -2.98 -10.77
CA SER A 77 4.66 -2.05 -9.90
C SER A 77 3.24 -1.77 -10.42
N ALA A 78 3.06 -1.67 -11.74
CA ALA A 78 1.74 -1.38 -12.29
C ALA A 78 0.82 -2.59 -12.32
N GLY A 79 1.35 -3.79 -12.07
CA GLY A 79 0.56 -5.01 -12.09
C GLY A 79 1.12 -6.01 -13.09
N ILE A 80 0.63 -7.24 -12.95
CA ILE A 80 1.13 -8.29 -13.83
C ILE A 80 0.58 -8.06 -15.25
N PRO A 81 1.36 -8.36 -16.29
CA PRO A 81 0.96 -7.93 -17.64
C PRO A 81 -0.36 -8.49 -18.13
N GLU A 82 -0.68 -9.75 -17.83
CA GLU A 82 -1.92 -10.33 -18.34
C GLU A 82 -3.14 -9.75 -17.63
N LEU A 83 -3.00 -9.28 -16.39
CA LEU A 83 -4.11 -8.60 -15.73
C LEU A 83 -4.32 -7.21 -16.35
N LEU A 84 -3.23 -6.46 -16.53
CA LEU A 84 -3.32 -5.14 -17.16
C LEU A 84 -3.97 -5.23 -18.54
N SER A 85 -3.56 -6.20 -19.36
CA SER A 85 -4.09 -6.28 -20.72
C SER A 85 -5.57 -6.65 -20.71
N TRP A 86 -5.96 -7.61 -19.87
CA TRP A 86 -7.39 -7.93 -19.77
C TRP A 86 -8.18 -6.69 -19.35
N LEU A 87 -7.75 -6.04 -18.26
CA LEU A 87 -8.49 -4.89 -17.75
C LEU A 87 -8.55 -3.77 -18.78
N LYS A 88 -7.46 -3.56 -19.52
CA LYS A 88 -7.50 -2.55 -20.57
C LYS A 88 -8.59 -2.86 -21.59
N GLN A 89 -8.69 -4.12 -22.00
CA GLN A 89 -9.73 -4.50 -22.96
C GLN A 89 -11.11 -4.33 -22.34
N LEU A 90 -11.24 -4.62 -21.04
CA LEU A 90 -12.52 -4.40 -20.38
C LEU A 90 -12.90 -2.92 -20.38
N GLN A 91 -11.93 -2.03 -20.18
CA GLN A 91 -12.26 -0.61 -20.15
C GLN A 91 -12.67 -0.13 -21.54
N ILE A 92 -12.02 -0.63 -22.57
CA ILE A 92 -12.39 -0.27 -23.94
C ILE A 92 -13.81 -0.77 -24.23
N LYS A 93 -14.16 -1.98 -23.78
CA LYS A 93 -15.50 -2.52 -24.05
C LYS A 93 -16.58 -1.75 -23.29
N LEU A 94 -16.29 -1.35 -22.05
CA LEU A 94 -17.29 -0.69 -21.20
C LEU A 94 -17.39 0.80 -21.47
N HIS A 95 -16.26 1.49 -21.69
CA HIS A 95 -16.25 2.94 -21.71
C HIS A 95 -15.75 3.55 -23.01
N ASN A 96 -15.19 2.75 -23.91
CA ASN A 96 -14.59 3.23 -25.16
C ASN A 96 -13.98 4.60 -24.99
N PRO A 97 -12.99 4.77 -24.11
CA PRO A 97 -12.50 6.11 -23.78
C PRO A 97 -11.91 6.79 -24.99
N PRO A 98 -12.21 8.07 -25.21
CA PRO A 98 -11.64 8.77 -26.37
C PRO A 98 -10.11 8.84 -26.39
N THR A 99 -9.45 8.58 -25.27
CA THR A 99 -8.01 8.80 -25.11
C THR A 99 -7.13 7.62 -25.53
N ILE A 100 -7.72 6.52 -26.02
CA ILE A 100 -6.96 5.27 -26.15
C ILE A 100 -5.67 5.51 -26.94
N HIS A 101 -5.78 6.21 -28.06
CA HIS A 101 -4.66 6.34 -28.98
C HIS A 101 -4.05 7.74 -28.95
N TYR A 102 -4.36 8.55 -27.94
CA TYR A 102 -3.72 9.84 -27.79
C TYR A 102 -2.22 9.67 -27.56
N PRO A 103 -1.43 10.68 -27.89
CA PRO A 103 -0.04 10.67 -27.45
C PRO A 103 0.03 10.73 -25.93
N PRO A 104 1.03 10.08 -25.33
CA PRO A 104 1.16 10.11 -23.87
C PRO A 104 1.00 11.49 -23.25
N SER A 105 1.72 12.48 -23.79
CA SER A 105 1.77 13.79 -23.15
C SER A 105 0.42 14.50 -23.15
N GLN A 106 -0.52 14.07 -23.98
CA GLN A 106 -1.85 14.67 -23.97
C GLN A 106 -2.92 13.70 -23.50
N GLY A 107 -2.55 12.68 -22.73
CA GLY A 107 -3.50 11.93 -21.94
C GLY A 107 -3.80 10.50 -22.38
N GLN A 108 -2.89 9.85 -23.11
CA GLN A 108 -3.07 8.47 -23.52
C GLN A 108 -3.57 7.61 -22.36
N MET A 109 -4.65 6.87 -22.60
CA MET A 109 -5.22 6.02 -21.55
C MET A 109 -4.16 5.08 -21.01
N ASP A 110 -4.05 5.03 -19.69
CA ASP A 110 -3.10 4.15 -19.01
C ASP A 110 -3.78 3.57 -17.77
N LEU A 111 -3.34 2.38 -17.36
CA LEU A 111 -3.93 1.69 -16.22
C LEU A 111 -2.87 1.29 -15.20
N CYS A 112 -3.27 1.31 -13.92
CA CYS A 112 -2.44 0.83 -12.82
C CYS A 112 -3.29 -0.05 -11.92
N VAL A 113 -2.85 -1.29 -11.69
CA VAL A 113 -3.43 -2.10 -10.63
C VAL A 113 -2.90 -1.60 -9.30
N THR A 114 -3.80 -1.43 -8.33
CA THR A 114 -3.42 -0.89 -7.02
C THR A 114 -3.88 -1.86 -5.94
N SER A 115 -3.35 -1.66 -4.73
CA SER A 115 -3.65 -2.54 -3.59
C SER A 115 -4.95 -2.04 -2.94
N GLY A 116 -6.05 -2.31 -3.64
CA GLY A 116 -7.31 -1.66 -3.35
C GLY A 116 -7.44 -0.34 -4.10
N SER A 117 -8.67 -0.01 -4.47
CA SER A 117 -8.87 1.24 -5.21
C SER A 117 -8.54 2.44 -4.35
N GLN A 118 -8.68 2.32 -3.03
CA GLN A 118 -8.40 3.43 -2.14
C GLN A 118 -6.93 3.82 -2.18
N GLN A 119 -6.02 2.86 -2.38
CA GLN A 119 -4.61 3.22 -2.47
C GLN A 119 -4.37 4.13 -3.67
N GLY A 120 -5.01 3.83 -4.80
CA GLY A 120 -4.84 4.66 -5.98
C GLY A 120 -5.40 6.04 -5.78
N LEU A 121 -6.61 6.12 -5.19
CA LEU A 121 -7.21 7.39 -4.86
C LEU A 121 -6.30 8.21 -3.94
N CYS A 122 -5.81 7.60 -2.86
CA CYS A 122 -4.99 8.33 -1.91
C CYS A 122 -3.75 8.93 -2.59
N LYS A 123 -3.08 8.14 -3.41
CA LYS A 123 -1.90 8.63 -4.10
C LYS A 123 -2.25 9.67 -5.16
N VAL A 124 -3.47 9.63 -5.70
CA VAL A 124 -3.90 10.69 -6.61
C VAL A 124 -4.04 12.01 -5.86
N PHE A 125 -4.71 11.98 -4.70
CA PHE A 125 -4.83 13.17 -3.87
C PHE A 125 -3.46 13.71 -3.51
N GLU A 126 -2.56 12.82 -3.11
CA GLU A 126 -1.22 13.23 -2.70
C GLU A 126 -0.42 13.81 -3.88
N MET A 127 -0.67 13.29 -5.09
CA MET A 127 -0.01 13.79 -6.29
C MET A 127 -0.40 15.23 -6.60
N ILE A 128 -1.61 15.62 -6.24
CA ILE A 128 -2.22 16.85 -6.74
C ILE A 128 -2.17 17.99 -5.72
N ILE A 129 -2.41 17.69 -4.45
CA ILE A 129 -2.89 18.71 -3.51
C ILE A 129 -1.71 19.38 -2.81
N ASN A 130 -1.66 20.69 -2.90
CA ASN A 130 -0.87 21.55 -2.02
C ASN A 130 -1.75 22.16 -0.95
N PRO A 131 -1.24 22.44 0.25
CA PRO A 131 -2.07 23.12 1.25
C PRO A 131 -2.61 24.43 0.69
N GLY A 132 -3.87 24.71 1.00
CA GLY A 132 -4.56 25.85 0.47
C GLY A 132 -5.33 25.60 -0.82
N ASP A 133 -5.02 24.53 -1.54
CA ASP A 133 -5.71 24.22 -2.78
C ASP A 133 -7.21 24.03 -2.52
N ASN A 134 -8.02 24.36 -3.53
CA ASN A 134 -9.46 24.17 -3.46
C ASN A 134 -9.85 22.93 -4.26
N VAL A 135 -10.71 22.11 -3.68
CA VAL A 135 -11.23 20.92 -4.33
C VAL A 135 -12.73 20.90 -4.14
N LEU A 136 -13.43 20.27 -5.09
CA LEU A 136 -14.87 20.19 -5.09
C LEU A 136 -15.32 18.74 -4.89
N LEU A 137 -16.34 18.54 -4.06
CA LEU A 137 -17.02 17.24 -3.95
C LEU A 137 -18.38 17.46 -3.33
N ASP A 138 -19.22 16.42 -3.41
CA ASP A 138 -20.55 16.44 -2.82
C ASP A 138 -20.53 15.70 -1.49
N GLU A 139 -21.06 16.36 -0.45
CA GLU A 139 -21.38 15.71 0.82
C GLU A 139 -22.85 15.31 0.85
N PRO A 140 -23.20 14.24 1.58
CA PRO A 140 -22.31 13.34 2.33
C PRO A 140 -21.44 12.48 1.42
N ALA A 141 -20.27 12.12 1.94
CA ALA A 141 -19.26 11.46 1.14
C ALA A 141 -18.65 10.34 1.97
N TYR A 142 -17.99 9.42 1.27
CA TYR A 142 -17.28 8.34 1.94
C TYR A 142 -16.34 8.91 2.99
N SER A 143 -16.46 8.41 4.21
CA SER A 143 -15.67 8.95 5.31
C SER A 143 -14.18 8.76 5.06
N GLY A 144 -13.79 7.64 4.44
CA GLY A 144 -12.40 7.44 4.11
C GLY A 144 -11.84 8.50 3.19
N THR A 145 -12.68 9.05 2.31
CA THR A 145 -12.22 10.13 1.43
C THR A 145 -12.03 11.41 2.23
N LEU A 146 -12.95 11.71 3.14
CA LEU A 146 -12.81 12.93 3.94
C LEU A 146 -11.61 12.84 4.86
N GLN A 147 -11.38 11.67 5.46
CA GLN A 147 -10.22 11.52 6.35
C GLN A 147 -8.92 11.56 5.56
N SER A 148 -8.95 11.15 4.29
CA SER A 148 -7.77 11.22 3.44
C SER A 148 -7.41 12.66 3.09
N LEU A 149 -8.42 13.47 2.76
CA LEU A 149 -8.19 14.83 2.29
C LEU A 149 -7.82 15.78 3.42
N HIS A 150 -8.38 15.58 4.61
CA HIS A 150 -8.20 16.51 5.71
C HIS A 150 -6.74 16.84 6.00
N PRO A 151 -5.82 15.87 6.08
CA PRO A 151 -4.43 16.22 6.42
C PRO A 151 -3.69 16.93 5.31
N LEU A 152 -4.18 16.88 4.07
CA LEU A 152 -3.48 17.53 2.96
C LEU A 152 -3.73 19.04 2.91
N GLY A 153 -4.59 19.56 3.78
CA GLY A 153 -4.76 20.99 3.93
C GLY A 153 -5.50 21.68 2.81
N CYS A 154 -6.27 20.94 2.01
CA CYS A 154 -7.09 21.55 0.97
C CYS A 154 -8.39 22.07 1.59
N ASN A 155 -8.95 23.09 0.94
CA ASN A 155 -10.29 23.59 1.29
C ASN A 155 -11.31 22.81 0.48
N ILE A 156 -12.12 22.02 1.17
CA ILE A 156 -13.19 21.27 0.51
C ILE A 156 -14.39 22.18 0.31
N ILE A 157 -14.81 22.34 -0.94
CA ILE A 157 -15.97 23.15 -1.29
C ILE A 157 -17.10 22.19 -1.63
N ASN A 158 -18.14 22.17 -0.80
CA ASN A 158 -19.28 21.28 -1.01
C ASN A 158 -20.09 21.75 -2.21
N VAL A 159 -20.38 20.81 -3.12
CA VAL A 159 -21.27 21.06 -4.24
C VAL A 159 -22.61 20.41 -3.91
N ALA A 160 -23.71 21.12 -4.19
CA ALA A 160 -25.02 20.62 -3.82
C ALA A 160 -25.33 19.34 -4.60
N SER A 161 -26.11 18.47 -3.97
CA SER A 161 -26.47 17.19 -4.54
C SER A 161 -27.90 16.85 -4.13
N ASP A 162 -28.56 16.04 -4.95
CA ASP A 162 -29.91 15.58 -4.65
C ASP A 162 -30.01 14.12 -5.05
N GLU A 163 -31.25 13.64 -5.19
CA GLU A 163 -31.48 12.25 -5.53
C GLU A 163 -30.81 11.85 -6.84
N SER A 164 -30.48 12.81 -7.71
CA SER A 164 -29.77 12.54 -8.96
C SER A 164 -28.29 12.91 -8.88
N GLY A 165 -27.71 12.95 -7.69
CA GLY A 165 -26.30 13.26 -7.55
C GLY A 165 -26.04 14.75 -7.60
N ILE A 166 -24.81 15.11 -8.01
CA ILE A 166 -24.41 16.51 -8.06
C ILE A 166 -25.36 17.31 -8.93
N VAL A 167 -25.75 18.49 -8.44
CA VAL A 167 -26.59 19.41 -9.19
C VAL A 167 -25.68 20.30 -10.03
N PRO A 168 -25.75 20.22 -11.36
CA PRO A 168 -24.86 21.08 -12.17
C PRO A 168 -25.00 22.56 -11.88
N ASP A 169 -26.24 23.07 -11.73
CA ASP A 169 -26.41 24.50 -11.44
C ASP A 169 -25.62 24.91 -10.21
N SER A 170 -25.58 24.05 -9.20
CA SER A 170 -24.80 24.36 -8.00
C SER A 170 -23.32 24.43 -8.32
N LEU A 171 -22.83 23.50 -9.13
CA LEU A 171 -21.42 23.53 -9.54
C LEU A 171 -21.12 24.76 -10.38
N ARG A 172 -22.04 25.14 -11.26
CA ARG A 172 -21.83 26.33 -12.08
C ARG A 172 -21.79 27.59 -11.23
N ASP A 173 -22.69 27.69 -10.24
CA ASP A 173 -22.73 28.87 -9.38
C ASP A 173 -21.46 29.01 -8.55
N ILE A 174 -20.97 27.90 -8.01
CA ILE A 174 -19.73 27.94 -7.22
C ILE A 174 -18.56 28.40 -8.06
N LEU A 175 -18.47 27.89 -9.29
CA LEU A 175 -17.35 28.23 -10.17
C LEU A 175 -17.39 29.68 -10.61
N SER A 176 -18.56 30.32 -10.61
CA SER A 176 -18.65 31.72 -11.01
C SER A 176 -17.88 32.64 -10.07
N ARG A 177 -17.35 32.12 -8.97
CA ARG A 177 -16.41 32.88 -8.15
C ARG A 177 -15.14 33.22 -8.90
N TRP A 178 -14.77 32.42 -9.90
CA TRP A 178 -13.58 32.63 -10.70
C TRP A 178 -13.97 32.96 -12.14
N LYS A 179 -13.00 33.48 -12.87
CA LYS A 179 -13.16 33.53 -14.32
C LYS A 179 -12.48 32.31 -14.94
N PRO A 180 -12.97 31.80 -16.07
CA PRO A 180 -12.31 30.61 -16.67
C PRO A 180 -10.81 30.76 -16.83
N GLU A 181 -10.36 31.91 -17.36
CA GLU A 181 -8.93 32.11 -17.56
C GLU A 181 -8.15 32.07 -16.25
N ASP A 182 -8.82 32.20 -15.11
CA ASP A 182 -8.13 32.08 -13.82
C ASP A 182 -7.45 30.73 -13.68
N ALA A 183 -7.88 29.71 -14.42
CA ALA A 183 -7.26 28.40 -14.32
C ALA A 183 -5.82 28.37 -14.82
N LYS A 184 -5.43 29.36 -15.62
CA LYS A 184 -4.04 29.50 -16.06
C LYS A 184 -3.27 30.50 -15.20
N ASN A 185 -3.72 30.71 -13.96
CA ASN A 185 -3.10 31.67 -13.06
C ASN A 185 -3.25 31.08 -11.66
N PRO A 186 -2.21 30.40 -11.15
CA PRO A 186 -2.36 29.74 -9.84
C PRO A 186 -2.51 30.69 -8.67
N GLN A 187 -2.45 32.01 -8.90
CA GLN A 187 -2.42 32.95 -7.79
C GLN A 187 -3.74 32.93 -7.01
N LYS A 188 -4.88 32.84 -7.69
CA LYS A 188 -6.15 32.71 -6.98
C LYS A 188 -6.84 31.36 -7.22
N ASN A 189 -6.06 30.31 -7.37
CA ASN A 189 -6.40 29.03 -6.77
C ASN A 189 -7.77 28.50 -7.21
N THR A 190 -7.95 28.39 -8.53
CA THR A 190 -9.15 27.72 -9.01
C THR A 190 -9.09 26.24 -8.61
N PRO A 191 -10.24 25.56 -8.53
CA PRO A 191 -10.23 24.18 -8.06
C PRO A 191 -9.38 23.26 -8.93
N LYS A 192 -8.63 22.38 -8.25
CA LYS A 192 -7.78 21.41 -8.93
C LYS A 192 -8.58 20.26 -9.51
N PHE A 193 -9.63 19.83 -8.83
CA PHE A 193 -10.43 18.71 -9.29
C PHE A 193 -11.76 18.70 -8.57
N LEU A 194 -12.72 18.03 -9.21
CA LEU A 194 -13.98 17.61 -8.60
C LEU A 194 -13.89 16.11 -8.35
N TYR A 195 -14.23 15.68 -7.13
CA TYR A 195 -14.32 14.27 -6.79
C TYR A 195 -15.78 13.90 -6.56
N THR A 196 -16.18 12.76 -7.10
CA THR A 196 -17.52 12.25 -6.82
C THR A 196 -17.56 10.75 -7.01
N VAL A 197 -18.46 10.12 -6.26
CA VAL A 197 -18.85 8.73 -6.46
C VAL A 197 -20.13 8.73 -7.28
N PRO A 198 -20.10 8.43 -8.59
CA PRO A 198 -21.27 8.69 -9.43
C PRO A 198 -22.36 7.63 -9.35
N ASN A 199 -22.08 6.43 -8.83
CA ASN A 199 -23.07 5.36 -8.77
C ASN A 199 -23.15 4.87 -7.33
N GLY A 200 -24.36 4.91 -6.76
CA GLY A 200 -24.57 4.35 -5.45
C GLY A 200 -23.68 4.98 -4.39
N ASN A 201 -23.72 6.30 -4.31
CA ASN A 201 -22.93 7.03 -3.31
C ASN A 201 -23.11 6.42 -1.92
N ASN A 202 -21.99 6.22 -1.24
CA ASN A 202 -21.97 5.87 0.18
C ASN A 202 -21.88 7.21 0.91
N PRO A 203 -22.91 7.57 1.70
CA PRO A 203 -24.03 6.79 2.24
C PRO A 203 -25.40 6.94 1.57
N THR A 204 -25.56 7.78 0.55
CA THR A 204 -26.91 8.18 0.14
C THR A 204 -27.59 7.13 -0.73
N GLY A 205 -26.84 6.36 -1.50
CA GLY A 205 -27.41 5.48 -2.49
C GLY A 205 -27.79 6.15 -3.79
N ASN A 206 -27.56 7.45 -3.94
CA ASN A 206 -27.96 8.17 -5.12
C ASN A 206 -26.92 8.03 -6.23
N SER A 207 -27.38 8.19 -7.48
CA SER A 207 -26.51 8.09 -8.64
C SER A 207 -26.74 9.26 -9.59
N LEU A 208 -25.67 9.66 -10.26
CA LEU A 208 -25.76 10.69 -11.28
C LEU A 208 -26.49 10.17 -12.52
N THR A 209 -27.00 11.11 -13.31
CA THR A 209 -27.62 10.85 -14.59
C THR A 209 -26.68 11.22 -15.74
N SER A 210 -26.96 10.65 -16.90
CA SER A 210 -26.15 10.91 -18.09
C SER A 210 -26.12 12.40 -18.42
N GLU A 211 -27.28 13.05 -18.40
CA GLU A 211 -27.34 14.46 -18.79
C GLU A 211 -26.53 15.31 -17.84
N ARG A 212 -26.61 15.05 -16.53
CA ARG A 212 -25.86 15.83 -15.56
C ARG A 212 -24.36 15.59 -15.70
N LYS A 213 -23.95 14.36 -16.00
CA LYS A 213 -22.53 14.09 -16.22
C LYS A 213 -21.99 14.93 -17.37
N LYS A 214 -22.74 15.02 -18.47
CA LYS A 214 -22.32 15.82 -19.60
C LYS A 214 -22.17 17.29 -19.19
N GLU A 215 -23.16 17.83 -18.48
CA GLU A 215 -23.06 19.19 -17.99
C GLU A 215 -21.82 19.36 -17.12
N ILE A 216 -21.64 18.48 -16.15
CA ILE A 216 -20.46 18.54 -15.28
C ILE A 216 -19.19 18.50 -16.11
N TYR A 217 -19.12 17.60 -17.09
CA TYR A 217 -17.91 17.52 -17.89
C TYR A 217 -17.64 18.84 -18.59
N GLU A 218 -18.68 19.49 -19.11
CA GLU A 218 -18.47 20.76 -19.80
C GLU A 218 -17.88 21.81 -18.86
N LEU A 219 -18.32 21.84 -17.60
CA LEU A 219 -17.78 22.80 -16.66
C LEU A 219 -16.33 22.47 -16.33
N ALA A 220 -16.00 21.19 -16.21
CA ALA A 220 -14.61 20.81 -15.97
C ALA A 220 -13.71 21.23 -17.12
N ARG A 221 -14.22 21.27 -18.33
CA ARG A 221 -13.44 21.80 -19.44
C ARG A 221 -13.32 23.32 -19.33
N LYS A 222 -14.45 23.99 -19.11
CA LYS A 222 -14.46 25.45 -19.11
C LYS A 222 -13.50 26.01 -18.07
N TYR A 223 -13.50 25.43 -16.87
CA TYR A 223 -12.64 25.88 -15.78
C TYR A 223 -11.42 24.99 -15.59
N ASP A 224 -11.17 24.06 -16.51
CA ASP A 224 -9.93 23.29 -16.61
C ASP A 224 -9.53 22.64 -15.29
N PHE A 225 -10.40 21.77 -14.78
CA PHE A 225 -10.05 20.96 -13.63
C PHE A 225 -10.25 19.48 -13.94
N LEU A 226 -9.60 18.64 -13.15
CA LEU A 226 -9.70 17.20 -13.29
C LEU A 226 -11.00 16.71 -12.66
N ILE A 227 -11.47 15.56 -13.15
CA ILE A 227 -12.57 14.81 -12.53
C ILE A 227 -12.01 13.50 -12.02
N ILE A 228 -12.14 13.28 -10.71
CA ILE A 228 -11.76 12.03 -10.07
C ILE A 228 -13.03 11.21 -9.91
N GLU A 229 -13.17 10.18 -10.74
CA GLU A 229 -14.37 9.36 -10.80
C GLU A 229 -14.13 8.09 -9.97
N ASP A 230 -14.53 8.16 -8.70
CA ASP A 230 -14.39 7.06 -7.75
C ASP A 230 -15.66 6.20 -7.86
N ASP A 231 -15.55 5.03 -8.53
CA ASP A 231 -16.74 4.31 -9.00
C ASP A 231 -16.76 2.86 -8.51
N PRO A 232 -16.65 2.64 -7.19
CA PRO A 232 -16.58 1.27 -6.67
C PRO A 232 -17.90 0.50 -6.75
N TYR A 233 -19.02 1.18 -6.99
CA TYR A 233 -20.31 0.53 -7.14
C TYR A 233 -20.77 0.52 -8.59
N TYR A 234 -19.85 0.78 -9.53
CA TYR A 234 -20.20 0.80 -10.95
C TYR A 234 -20.82 -0.51 -11.39
N PHE A 235 -20.34 -1.62 -10.85
CA PHE A 235 -20.85 -2.96 -11.18
C PHE A 235 -21.94 -3.40 -10.23
N LEU A 236 -22.64 -2.46 -9.58
CA LEU A 236 -23.74 -2.76 -8.69
C LEU A 236 -24.90 -1.81 -8.97
N GLN A 237 -25.14 -1.49 -10.23
CA GLN A 237 -26.25 -0.65 -10.62
C GLN A 237 -27.48 -1.51 -10.88
N PHE A 238 -28.63 -1.05 -10.37
CA PHE A 238 -29.83 -1.86 -10.41
C PHE A 238 -30.55 -1.77 -11.77
N ASN A 239 -30.32 -0.69 -12.52
CA ASN A 239 -30.87 -0.54 -13.86
C ASN A 239 -30.39 -1.66 -14.81
N LYS A 240 -31.04 -1.74 -15.97
CA LYS A 240 -30.62 -2.69 -17.00
C LYS A 240 -29.43 -2.16 -17.78
N PHE A 241 -29.44 -0.88 -18.12
CA PHE A 241 -28.37 -0.24 -18.85
C PHE A 241 -27.61 0.71 -17.95
N ARG A 242 -26.29 0.57 -17.91
CA ARG A 242 -25.48 1.40 -17.03
C ARG A 242 -25.35 2.81 -17.61
N VAL A 243 -25.39 3.81 -16.73
CA VAL A 243 -25.16 5.20 -17.18
C VAL A 243 -23.76 5.32 -17.74
N PRO A 244 -23.55 5.99 -18.87
CA PRO A 244 -22.17 6.24 -19.34
C PRO A 244 -21.36 6.94 -18.26
N THR A 245 -20.06 6.68 -18.26
CA THR A 245 -19.17 7.21 -17.23
C THR A 245 -18.48 8.47 -17.69
N PHE A 246 -17.94 9.22 -16.71
CA PHE A 246 -17.09 10.34 -17.07
C PHE A 246 -15.95 9.89 -17.98
N LEU A 247 -15.37 8.71 -17.71
CA LEU A 247 -14.27 8.24 -18.53
C LEU A 247 -14.72 8.11 -19.99
N SER A 248 -15.96 7.68 -20.21
CA SER A 248 -16.43 7.43 -21.56
C SER A 248 -16.59 8.70 -22.38
N MET A 249 -16.69 9.86 -21.74
CA MET A 249 -16.81 11.13 -22.47
C MET A 249 -15.57 12.01 -22.33
N ASP A 250 -14.42 11.43 -22.00
CA ASP A 250 -13.24 12.22 -21.59
C ASP A 250 -12.37 12.54 -22.80
N VAL A 251 -12.87 13.43 -23.67
CA VAL A 251 -12.13 13.76 -24.87
C VAL A 251 -10.90 14.61 -24.57
N ASP A 252 -10.86 15.30 -23.41
CA ASP A 252 -9.70 16.12 -23.08
C ASP A 252 -8.59 15.35 -22.40
N GLY A 253 -8.88 14.20 -21.81
CA GLY A 253 -7.94 13.54 -20.92
C GLY A 253 -7.85 14.16 -19.56
N ARG A 254 -8.99 14.51 -18.95
CA ARG A 254 -9.01 15.12 -17.63
C ARG A 254 -9.69 14.25 -16.57
N VAL A 255 -9.93 12.98 -16.85
CA VAL A 255 -10.60 12.09 -15.90
C VAL A 255 -9.60 11.08 -15.35
N ILE A 256 -9.58 10.93 -14.03
CA ILE A 256 -8.90 9.83 -13.36
C ILE A 256 -9.99 8.96 -12.74
N ARG A 257 -10.09 7.72 -13.20
CA ARG A 257 -11.13 6.81 -12.75
C ARG A 257 -10.54 5.75 -11.83
N ALA A 258 -11.27 5.42 -10.77
CA ALA A 258 -10.91 4.30 -9.89
C ALA A 258 -12.01 3.25 -9.97
N ASP A 259 -11.63 2.03 -10.35
CA ASP A 259 -12.49 0.86 -10.32
C ASP A 259 -12.04 -0.08 -9.20
N SER A 260 -12.97 -0.90 -8.73
CA SER A 260 -12.70 -1.82 -7.64
C SER A 260 -13.41 -3.13 -7.86
N PHE A 261 -12.73 -4.22 -7.53
CA PHE A 261 -13.37 -5.52 -7.39
C PHE A 261 -13.77 -5.80 -5.94
N SER A 262 -13.64 -4.82 -5.07
CA SER A 262 -13.84 -5.00 -3.64
C SER A 262 -15.26 -5.45 -3.28
N1 LLP A 263 -15.19 4.19 -1.90
C2 LLP A 263 -16.48 4.10 -1.40
C2' LLP A 263 -17.54 5.17 -1.67
C3 LLP A 263 -16.89 2.91 -0.56
O3 LLP A 263 -18.16 2.88 -0.07
C4 LLP A 263 -15.88 1.80 -0.30
C4' LLP A 263 -16.25 0.53 0.54
C5 LLP A 263 -14.50 2.03 -0.92
C6 LLP A 263 -14.25 3.21 -1.69
C5' LLP A 263 -13.41 1.00 -0.69
OP4 LLP A 263 -12.52 0.80 -1.81
P LLP A 263 -11.63 -0.55 -1.99
OP1 LLP A 263 -12.27 -1.52 -1.00
OP2 LLP A 263 -11.91 -0.97 -3.47
OP3 LLP A 263 -10.20 -0.13 -1.50
N LLP A 263 -16.19 -4.90 -4.05
CA LLP A 263 -17.62 -5.13 -3.69
CB LLP A 263 -18.46 -3.88 -3.95
CG LLP A 263 -17.84 -2.57 -3.42
CD LLP A 263 -17.68 -2.46 -1.88
CE LLP A 263 -17.04 -1.08 -1.50
NZ LLP A 263 -16.63 -0.82 -0.10
C LLP A 263 -18.17 -6.35 -4.37
O LLP A 263 -19.15 -6.89 -3.90
N ILE A 264 -17.57 -6.90 -5.52
CA ILE A 264 -18.12 -7.98 -6.33
C ILE A 264 -17.29 -9.27 -6.35
N ILE A 265 -15.96 -9.18 -6.18
CA ILE A 265 -15.07 -10.33 -6.27
C ILE A 265 -14.32 -10.58 -4.96
N SER A 266 -13.62 -9.56 -4.44
CA SER A 266 -13.06 -9.68 -3.10
C SER A 266 -12.54 -8.35 -2.56
N SER A 267 -12.98 -8.00 -1.36
CA SER A 267 -12.45 -6.85 -0.64
C SER A 267 -11.13 -7.18 0.02
N GLY A 268 -11.01 -8.39 0.57
CA GLY A 268 -9.82 -8.80 1.29
C GLY A 268 -8.58 -9.02 0.43
N LEU A 269 -8.74 -9.30 -0.87
CA LEU A 269 -7.55 -9.49 -1.70
C LEU A 269 -6.85 -8.18 -2.07
N ARG A 270 -7.46 -7.03 -1.74
CA ARG A 270 -6.88 -5.72 -1.99
C ARG A 270 -6.41 -5.58 -3.45
N ILE A 271 -7.41 -5.52 -4.33
CA ILE A 271 -7.18 -5.33 -5.76
C ILE A 271 -8.17 -4.28 -6.26
N GLY A 272 -7.64 -3.19 -6.79
CA GLY A 272 -8.41 -2.20 -7.52
C GLY A 272 -7.60 -1.74 -8.72
N PHE A 273 -8.08 -0.74 -9.47
CA PHE A 273 -7.24 -0.21 -10.54
C PHE A 273 -7.65 1.20 -10.93
N LEU A 274 -6.65 1.96 -11.36
CA LEU A 274 -6.82 3.30 -11.88
C LEU A 274 -6.74 3.29 -13.39
N THR A 275 -7.57 4.13 -14.03
CA THR A 275 -7.52 4.38 -15.46
C THR A 275 -7.49 5.89 -15.65
N GLY A 276 -6.54 6.39 -16.41
CA GLY A 276 -6.41 7.83 -16.59
C GLY A 276 -5.27 8.24 -17.48
N PRO A 277 -4.99 9.55 -17.54
CA PRO A 277 -3.95 10.05 -18.45
C PRO A 277 -2.58 9.52 -18.03
N LYS A 278 -1.82 9.05 -19.00
CA LYS A 278 -0.54 8.40 -18.72
C LYS A 278 0.38 9.25 -17.87
N PRO A 279 0.55 10.56 -18.12
CA PRO A 279 1.42 11.35 -17.24
C PRO A 279 1.03 11.26 -15.77
N LEU A 280 -0.27 11.27 -15.48
CA LEU A 280 -0.72 11.21 -14.09
C LEU A 280 -0.63 9.82 -13.50
N ILE A 281 -1.01 8.79 -14.27
CA ILE A 281 -0.86 7.42 -13.79
C ILE A 281 0.60 7.14 -13.46
N GLU A 282 1.51 7.66 -14.27
CA GLU A 282 2.94 7.40 -14.06
C GLU A 282 3.40 7.94 -12.70
N ARG A 283 2.93 9.13 -12.32
CA ARG A 283 3.28 9.66 -11.00
C ARG A 283 2.81 8.71 -9.89
N VAL A 284 1.62 8.15 -10.03
CA VAL A 284 1.12 7.20 -9.04
C VAL A 284 1.97 5.94 -9.04
N ILE A 285 2.34 5.46 -10.23
CA ILE A 285 3.15 4.24 -10.29
C ILE A 285 4.45 4.44 -9.54
N LEU A 286 5.07 5.62 -9.68
CA LEU A 286 6.36 5.85 -9.06
C LEU A 286 6.24 5.93 -7.55
N HIS A 287 5.11 6.41 -7.04
CA HIS A 287 4.87 6.39 -5.60
C HIS A 287 4.69 4.96 -5.10
N ILE A 288 3.97 4.13 -5.88
CA ILE A 288 3.85 2.71 -5.51
C ILE A 288 5.22 2.06 -5.50
N GLN A 289 6.10 2.46 -6.42
CA GLN A 289 7.41 1.83 -6.53
C GLN A 289 8.24 1.95 -5.25
N VAL A 290 8.02 2.99 -4.44
CA VAL A 290 8.78 3.19 -3.21
C VAL A 290 7.94 2.90 -1.98
N SER A 291 6.75 2.31 -2.18
CA SER A 291 5.79 2.07 -1.11
C SER A 291 5.47 0.60 -1.09
N THR A 292 4.33 0.16 -1.64
CA THR A 292 3.98 -1.25 -1.62
C THR A 292 4.79 -2.06 -2.63
N LEU A 293 5.42 -1.40 -3.59
CA LEU A 293 6.19 -2.03 -4.67
C LEU A 293 5.27 -2.57 -5.76
N HIS A 294 4.29 -3.37 -5.37
CA HIS A 294 3.36 -3.96 -6.32
C HIS A 294 2.22 -4.61 -5.54
N PRO A 295 1.06 -4.80 -6.18
CA PRO A 295 0.02 -5.61 -5.52
C PRO A 295 0.47 -7.05 -5.42
N SER A 296 -0.07 -7.75 -4.43
CA SER A 296 0.20 -9.17 -4.24
C SER A 296 0.22 -9.89 -5.58
N THR A 297 1.35 -10.54 -5.91
CA THR A 297 1.40 -11.34 -7.13
C THR A 297 0.43 -12.52 -7.05
N PHE A 298 0.38 -13.17 -5.90
CA PHE A 298 -0.51 -14.32 -5.69
C PHE A 298 -1.96 -13.93 -5.93
N ASN A 299 -2.40 -12.83 -5.33
CA ASN A 299 -3.79 -12.44 -5.47
C ASN A 299 -4.11 -11.93 -6.86
N GLN A 300 -3.16 -11.26 -7.53
CA GLN A 300 -3.38 -10.85 -8.92
C GLN A 300 -3.59 -12.05 -9.82
N LEU A 301 -2.77 -13.08 -9.64
CA LEU A 301 -2.87 -14.28 -10.46
C LEU A 301 -4.19 -15.02 -10.20
N MET A 302 -4.65 -15.05 -8.95
CA MET A 302 -5.95 -15.64 -8.67
C MET A 302 -7.03 -14.97 -9.50
N ILE A 303 -7.09 -13.63 -9.42
CA ILE A 303 -8.13 -12.87 -10.10
C ILE A 303 -7.94 -12.95 -11.61
N SER A 304 -6.70 -12.79 -12.08
CA SER A 304 -6.44 -12.76 -13.51
C SER A 304 -6.84 -14.07 -14.18
N GLN A 305 -6.47 -15.20 -13.58
CA GLN A 305 -6.82 -16.50 -14.16
C GLN A 305 -8.33 -16.71 -14.14
N LEU A 306 -8.98 -16.35 -13.04
CA LEU A 306 -10.45 -16.38 -12.99
C LEU A 306 -11.05 -15.56 -14.13
N LEU A 307 -10.59 -14.32 -14.29
CA LEU A 307 -11.14 -13.45 -15.32
C LEU A 307 -10.88 -14.00 -16.71
N HIS A 308 -9.67 -14.52 -16.95
CA HIS A 308 -9.35 -15.06 -18.27
C HIS A 308 -10.17 -16.31 -18.59
N GLU A 309 -10.48 -17.13 -17.58
CA GLU A 309 -11.30 -18.31 -17.85
C GLU A 309 -12.76 -17.93 -18.03
N TRP A 310 -13.25 -16.96 -17.25
CA TRP A 310 -14.62 -16.50 -17.41
C TRP A 310 -14.82 -15.81 -18.75
N GLY A 311 -13.80 -15.09 -19.22
CA GLY A 311 -13.99 -14.17 -20.32
C GLY A 311 -14.85 -13.02 -19.87
N GLU A 312 -15.00 -12.00 -20.72
CA GLU A 312 -15.88 -10.89 -20.35
C GLU A 312 -17.30 -11.36 -20.12
N GLU A 313 -17.74 -12.38 -20.86
CA GLU A 313 -19.07 -12.94 -20.67
C GLU A 313 -19.24 -13.52 -19.28
N GLY A 314 -18.31 -14.36 -18.84
CA GLY A 314 -18.38 -14.91 -17.51
C GLY A 314 -18.34 -13.84 -16.43
N PHE A 315 -17.50 -12.83 -16.62
CA PHE A 315 -17.43 -11.73 -15.68
C PHE A 315 -18.77 -11.01 -15.58
N MET A 316 -19.36 -10.65 -16.74
CA MET A 316 -20.63 -9.94 -16.71
C MET A 316 -21.76 -10.81 -16.16
N ALA A 317 -21.70 -12.12 -16.39
CA ALA A 317 -22.68 -13.01 -15.79
C ALA A 317 -22.59 -12.96 -14.27
N HIS A 318 -21.37 -12.95 -13.74
CA HIS A 318 -21.18 -12.83 -12.30
C HIS A 318 -21.77 -11.53 -11.78
N VAL A 319 -21.47 -10.41 -12.45
CA VAL A 319 -21.94 -9.13 -11.94
C VAL A 319 -23.46 -9.09 -11.95
N ASP A 320 -24.09 -9.74 -12.94
CA ASP A 320 -25.55 -9.74 -13.00
C ASP A 320 -26.17 -10.59 -11.90
N ARG A 321 -25.51 -11.68 -11.50
CA ARG A 321 -25.97 -12.43 -10.34
C ARG A 321 -25.91 -11.56 -9.10
N VAL A 322 -24.82 -10.82 -8.93
CA VAL A 322 -24.63 -10.03 -7.72
C VAL A 322 -25.60 -8.85 -7.71
N ILE A 323 -25.79 -8.20 -8.85
CA ILE A 323 -26.80 -7.14 -8.97
C ILE A 323 -28.16 -7.67 -8.54
N ASP A 324 -28.52 -8.85 -9.04
CA ASP A 324 -29.84 -9.42 -8.74
C ASP A 324 -30.00 -9.63 -7.25
N PHE A 325 -28.98 -10.18 -6.60
CA PHE A 325 -29.05 -10.37 -5.15
C PHE A 325 -29.23 -9.03 -4.43
N TYR A 326 -28.34 -8.06 -4.71
CA TYR A 326 -28.43 -6.78 -4.02
C TYR A 326 -29.72 -6.04 -4.33
N SER A 327 -30.24 -6.18 -5.56
CA SER A 327 -31.51 -5.51 -5.85
C SER A 327 -32.65 -6.13 -5.06
N ASN A 328 -32.57 -7.44 -4.78
CA ASN A 328 -33.61 -8.07 -3.97
C ASN A 328 -33.49 -7.64 -2.51
N GLN A 329 -32.26 -7.55 -2.00
CA GLN A 329 -32.07 -6.98 -0.66
C GLN A 329 -32.62 -5.56 -0.59
N LYS A 330 -32.41 -4.77 -1.65
CA LYS A 330 -32.92 -3.41 -1.68
C LYS A 330 -34.45 -3.41 -1.58
N ASP A 331 -35.11 -4.21 -2.42
CA ASP A 331 -36.55 -4.36 -2.32
C ASP A 331 -36.97 -4.73 -0.91
N ALA A 332 -36.21 -5.61 -0.26
CA ALA A 332 -36.58 -6.08 1.07
C ALA A 332 -36.48 -4.99 2.12
N ILE A 333 -35.41 -4.20 2.11
CA ILE A 333 -35.25 -3.15 3.12
C ILE A 333 -36.22 -2.01 2.87
N LEU A 334 -36.59 -1.77 1.61
CA LEU A 334 -37.62 -0.76 1.33
C LEU A 334 -38.96 -1.20 1.88
N ALA A 335 -39.30 -2.49 1.74
CA ALA A 335 -40.50 -3.04 2.33
C ALA A 335 -40.51 -2.84 3.84
N ALA A 336 -39.45 -3.28 4.52
CA ALA A 336 -39.34 -3.03 5.96
C ALA A 336 -39.58 -1.57 6.28
N ALA A 337 -38.99 -0.67 5.49
CA ALA A 337 -39.11 0.75 5.80
C ALA A 337 -40.52 1.26 5.55
N ASP A 338 -41.14 0.86 4.45
CA ASP A 338 -42.55 1.18 4.24
C ASP A 338 -43.40 0.71 5.42
N LYS A 339 -43.11 -0.49 5.91
CA LYS A 339 -43.95 -1.11 6.93
C LYS A 339 -43.89 -0.37 8.25
N TRP A 340 -42.67 -0.08 8.74
CA TRP A 340 -42.49 0.41 10.10
C TRP A 340 -42.09 1.88 10.19
N LEU A 341 -41.63 2.50 9.10
CA LEU A 341 -41.41 3.94 9.07
C LEU A 341 -42.66 4.57 8.47
N THR A 342 -43.45 5.19 9.32
CA THR A 342 -44.88 5.42 9.11
C THR A 342 -45.16 6.88 8.81
N GLY A 343 -44.32 7.50 7.99
CA GLY A 343 -44.20 8.94 8.04
C GLY A 343 -43.37 9.39 9.23
N LEU A 344 -42.63 8.47 9.84
CA LEU A 344 -41.63 8.80 10.84
C LEU A 344 -40.28 9.17 10.21
N ALA A 345 -40.11 8.93 8.91
CA ALA A 345 -38.83 9.14 8.25
C ALA A 345 -39.07 9.28 6.76
N GLU A 346 -38.04 9.77 6.07
CA GLU A 346 -38.03 9.89 4.61
C GLU A 346 -36.78 9.23 4.06
N TRP A 347 -36.92 8.69 2.85
CA TRP A 347 -35.78 8.07 2.18
C TRP A 347 -36.05 8.05 0.68
N HIS A 348 -34.97 8.06 -0.09
CA HIS A 348 -35.03 7.81 -1.53
C HIS A 348 -34.67 6.35 -1.81
N VAL A 349 -35.14 5.87 -2.96
CA VAL A 349 -34.85 4.51 -3.40
C VAL A 349 -33.42 4.46 -3.92
N PRO A 350 -32.54 3.62 -3.36
CA PRO A 350 -31.16 3.56 -3.86
C PRO A 350 -31.10 3.10 -5.31
N ALA A 351 -30.24 3.75 -6.09
CA ALA A 351 -30.07 3.41 -7.50
C ALA A 351 -28.96 2.39 -7.74
N ALA A 352 -28.11 2.15 -6.75
CA ALA A 352 -26.98 1.24 -6.85
C ALA A 352 -26.44 1.04 -5.45
N GLY A 353 -25.54 0.08 -5.32
CA GLY A 353 -24.80 -0.08 -4.07
C GLY A 353 -25.53 -0.91 -3.04
N MET A 354 -25.25 -0.65 -1.76
CA MET A 354 -25.73 -1.49 -0.68
C MET A 354 -26.24 -0.71 0.54
N PHE A 355 -26.57 0.57 0.39
CA PHE A 355 -26.97 1.37 1.53
C PHE A 355 -28.29 2.09 1.27
N LEU A 356 -29.05 2.27 2.35
CA LEU A 356 -30.26 3.08 2.37
C LEU A 356 -30.05 4.24 3.34
N TRP A 357 -30.43 5.44 2.90
CA TRP A 357 -30.15 6.69 3.62
C TRP A 357 -31.48 7.21 4.15
N ILE A 358 -31.63 7.23 5.48
CA ILE A 358 -32.91 7.47 6.13
C ILE A 358 -32.84 8.78 6.89
N LYS A 359 -33.75 9.70 6.57
CA LYS A 359 -33.90 10.96 7.30
C LYS A 359 -35.05 10.82 8.30
N VAL A 360 -34.72 10.80 9.58
CA VAL A 360 -35.72 10.73 10.64
C VAL A 360 -36.39 12.08 10.78
N LYS A 361 -37.71 12.09 10.88
CA LYS A 361 -38.48 13.32 11.00
C LYS A 361 -38.55 13.77 12.46
N GLY A 362 -38.54 15.09 12.66
CA GLY A 362 -38.76 15.67 13.97
C GLY A 362 -37.63 15.47 14.96
N ILE A 363 -36.50 14.95 14.53
CA ILE A 363 -35.33 14.79 15.40
C ILE A 363 -34.15 15.47 14.73
N ASN A 364 -33.43 16.30 15.47
CA ASN A 364 -32.34 17.08 14.89
C ASN A 364 -31.04 16.28 14.83
N ASP A 365 -30.80 15.41 15.80
CA ASP A 365 -29.59 14.59 15.82
C ASP A 365 -29.94 13.20 16.31
N VAL A 366 -29.57 12.19 15.52
CA VAL A 366 -29.97 10.81 15.80
C VAL A 366 -28.90 10.00 16.51
N LYS A 367 -27.65 10.50 16.58
CA LYS A 367 -26.58 9.67 17.14
C LYS A 367 -26.80 9.37 18.63
N GLU A 368 -27.58 10.21 19.32
CA GLU A 368 -28.02 9.83 20.66
C GLU A 368 -29.18 8.83 20.60
N LEU A 369 -30.05 8.96 19.60
CA LEU A 369 -31.14 8.01 19.45
C LEU A 369 -30.62 6.61 19.17
N ILE A 370 -29.45 6.48 18.56
CA ILE A 370 -28.93 5.18 18.15
C ILE A 370 -27.91 4.69 19.17
N GLU A 371 -26.82 5.44 19.34
CA GLU A 371 -25.71 4.98 20.15
C GLU A 371 -26.07 4.82 21.62
N GLU A 372 -27.20 5.36 22.06
CA GLU A 372 -27.67 5.18 23.43
C GLU A 372 -28.89 4.28 23.50
N LYS A 373 -30.01 4.69 22.90
CA LYS A 373 -31.26 3.96 23.05
C LYS A 373 -31.27 2.67 22.21
N ALA A 374 -30.91 2.77 20.93
CA ALA A 374 -31.05 1.63 20.03
C ALA A 374 -30.12 0.49 20.41
N VAL A 375 -28.90 0.81 20.89
CA VAL A 375 -27.92 -0.24 21.16
C VAL A 375 -28.46 -1.24 22.16
N LYS A 376 -29.07 -0.75 23.25
CA LYS A 376 -29.60 -1.66 24.26
C LYS A 376 -30.88 -2.34 23.83
N MET A 377 -31.53 -1.87 22.76
CA MET A 377 -32.63 -2.58 22.15
C MET A 377 -32.17 -3.59 21.10
N GLY A 378 -30.85 -3.73 20.91
CA GLY A 378 -30.32 -4.77 20.04
C GLY A 378 -30.26 -4.43 18.58
N VAL A 379 -30.32 -3.14 18.22
CA VAL A 379 -30.33 -2.72 16.83
C VAL A 379 -29.28 -1.63 16.64
N LEU A 380 -28.55 -1.70 15.54
CA LEU A 380 -27.50 -0.73 15.24
C LEU A 380 -27.58 -0.29 13.80
N MET A 381 -27.67 1.03 13.61
CA MET A 381 -27.51 1.67 12.31
C MET A 381 -26.53 2.83 12.50
N LEU A 382 -25.96 3.31 11.41
CA LEU A 382 -24.83 4.22 11.52
C LEU A 382 -25.31 5.67 11.41
N PRO A 383 -25.06 6.53 12.39
CA PRO A 383 -25.40 7.95 12.23
C PRO A 383 -24.67 8.57 11.06
N GLY A 384 -25.34 9.50 10.39
CA GLY A 384 -24.78 10.16 9.21
C GLY A 384 -23.68 11.16 9.50
N ASN A 385 -23.42 11.48 10.77
CA ASN A 385 -22.44 12.51 11.10
C ASN A 385 -21.09 12.22 10.45
N ALA A 386 -20.70 10.96 10.37
CA ALA A 386 -19.37 10.61 9.90
C ALA A 386 -19.15 10.91 8.43
N PHE A 387 -20.19 11.23 7.67
CA PHE A 387 -20.07 11.38 6.23
C PHE A 387 -19.99 12.85 5.79
N TYR A 388 -19.78 13.76 6.73
CA TYR A 388 -19.64 15.18 6.43
C TYR A 388 -18.28 15.68 6.92
N VAL A 389 -17.79 16.73 6.27
CA VAL A 389 -16.53 17.35 6.67
C VAL A 389 -16.59 17.71 8.16
N ASP A 390 -17.62 18.43 8.56
CA ASP A 390 -17.85 18.76 9.97
C ASP A 390 -18.68 17.64 10.57
N SER A 391 -18.01 16.62 11.10
CA SER A 391 -18.71 15.50 11.70
C SER A 391 -19.23 15.80 13.10
N SER A 392 -19.09 17.05 13.57
CA SER A 392 -19.68 17.47 14.83
C SER A 392 -21.06 18.10 14.66
N ALA A 393 -21.38 18.60 13.47
CA ALA A 393 -22.72 19.11 13.22
C ALA A 393 -23.76 18.00 13.47
N PRO A 394 -24.94 18.36 13.97
CA PRO A 394 -25.98 17.34 14.12
C PRO A 394 -26.41 16.81 12.76
N SER A 395 -26.80 15.54 12.74
CA SER A 395 -27.33 14.93 11.53
C SER A 395 -28.61 14.17 11.87
N PRO A 396 -29.70 14.38 11.12
CA PRO A 396 -30.91 13.57 11.28
C PRO A 396 -30.90 12.26 10.51
N TYR A 397 -29.81 11.93 9.82
CA TYR A 397 -29.76 10.83 8.88
C TYR A 397 -29.13 9.59 9.50
N LEU A 398 -29.64 8.42 9.09
CA LEU A 398 -29.03 7.14 9.38
C LEU A 398 -28.70 6.43 8.08
N ARG A 399 -27.59 5.69 8.08
CA ARG A 399 -27.24 4.79 6.99
C ARG A 399 -27.53 3.36 7.42
N ALA A 400 -28.33 2.65 6.63
CA ALA A 400 -28.67 1.26 6.87
C ALA A 400 -28.16 0.41 5.72
N SER A 401 -27.45 -0.66 6.05
CA SER A 401 -26.90 -1.57 5.04
C SER A 401 -27.86 -2.71 4.75
N PHE A 402 -28.13 -2.96 3.46
CA PHE A 402 -28.93 -4.11 3.07
C PHE A 402 -28.08 -5.17 2.38
N SER A 403 -26.78 -5.21 2.69
CA SER A 403 -25.90 -6.19 2.07
C SER A 403 -26.18 -7.61 2.56
N SER A 404 -26.60 -7.78 3.82
CA SER A 404 -26.59 -9.11 4.42
C SER A 404 -27.86 -9.50 5.18
N ALA A 405 -28.58 -8.52 5.72
CA ALA A 405 -29.65 -8.81 6.66
C ALA A 405 -30.80 -9.56 6.00
N SER A 406 -31.32 -10.56 6.70
CA SER A 406 -32.50 -11.27 6.24
C SER A 406 -33.72 -10.37 6.34
N PRO A 407 -34.81 -10.72 5.66
CA PRO A 407 -36.04 -9.93 5.81
C PRO A 407 -36.58 -9.93 7.23
N GLU A 408 -36.41 -11.04 7.95
CA GLU A 408 -36.79 -11.08 9.36
C GLU A 408 -35.98 -10.07 10.16
N GLN A 409 -34.66 -10.08 9.98
CA GLN A 409 -33.80 -9.15 10.70
C GLN A 409 -34.15 -7.71 10.37
N MET A 410 -34.43 -7.41 9.09
CA MET A 410 -34.86 -6.06 8.73
C MET A 410 -36.16 -5.70 9.43
N ASP A 411 -37.09 -6.65 9.50
CA ASP A 411 -38.39 -6.38 10.13
C ASP A 411 -38.24 -6.05 11.59
N VAL A 412 -37.38 -6.78 12.30
CA VAL A 412 -37.11 -6.48 13.70
C VAL A 412 -36.42 -5.12 13.83
N ALA A 413 -35.35 -4.93 13.07
CA ALA A 413 -34.53 -3.72 13.23
C ALA A 413 -35.35 -2.46 13.05
N PHE A 414 -36.24 -2.43 12.07
CA PHE A 414 -37.02 -1.21 11.81
C PHE A 414 -38.20 -1.09 12.76
N GLN A 415 -38.74 -2.21 13.26
CA GLN A 415 -39.68 -2.13 14.37
C GLN A 415 -39.07 -1.38 15.54
N VAL A 416 -37.90 -1.82 15.99
CA VAL A 416 -37.22 -1.17 17.10
C VAL A 416 -37.02 0.31 16.81
N LEU A 417 -36.37 0.62 15.68
CA LEU A 417 -36.14 2.01 15.32
C LEU A 417 -37.44 2.82 15.37
N ALA A 418 -38.52 2.26 14.84
CA ALA A 418 -39.80 2.97 14.84
C ALA A 418 -40.24 3.28 16.27
N GLN A 419 -40.22 2.27 17.15
CA GLN A 419 -40.59 2.50 18.53
C GLN A 419 -39.76 3.60 19.16
N LEU A 420 -38.45 3.58 18.92
CA LEU A 420 -37.57 4.59 19.50
C LEU A 420 -37.90 5.98 18.96
N ILE A 421 -38.13 6.09 17.65
CA ILE A 421 -38.53 7.37 17.08
C ILE A 421 -39.81 7.87 17.72
N LYS A 422 -40.84 7.01 17.74
CA LYS A 422 -42.14 7.43 18.28
C LYS A 422 -42.02 7.87 19.73
N GLU A 423 -41.40 7.03 20.58
CA GLU A 423 -41.17 7.44 21.96
C GLU A 423 -40.06 8.48 22.06
N SER A 424 -39.35 8.76 20.97
CA SER A 424 -38.41 9.88 20.90
C SER A 424 -38.93 10.97 19.98
N LEU A 425 -40.24 11.18 19.98
CA LEU A 425 -40.83 12.37 19.37
C LEU A 425 -41.55 13.20 20.43
N MET B 1 10.72 10.59 23.78
CA MET B 1 10.15 11.33 24.94
C MET B 1 9.12 12.39 24.46
N ASN B 2 9.40 13.17 23.41
CA ASN B 2 8.40 14.08 22.81
C ASN B 2 8.22 13.76 21.32
N TYR B 3 7.28 12.87 21.02
CA TYR B 3 7.15 12.35 19.66
C TYR B 3 6.61 13.37 18.66
N ALA B 4 5.97 14.44 19.14
CA ALA B 4 5.49 15.51 18.24
C ALA B 4 6.64 16.11 17.43
N ARG B 5 7.85 16.09 17.97
CA ARG B 5 9.01 16.64 17.26
C ARG B 5 9.26 15.88 15.96
N PHE B 6 8.86 14.60 15.89
CA PHE B 6 9.14 13.76 14.73
C PHE B 6 7.92 13.52 13.85
N ILE B 7 6.92 14.38 13.90
CA ILE B 7 5.67 14.19 13.18
C ILE B 7 5.34 15.48 12.44
N THR B 8 5.25 15.39 11.11
CA THR B 8 4.87 16.55 10.30
C THR B 8 3.49 17.04 10.70
N ALA B 9 3.15 18.24 10.25
CA ALA B 9 1.81 18.77 10.46
C ALA B 9 0.75 17.88 9.82
N ALA B 10 0.99 17.46 8.58
CA ALA B 10 0.03 16.59 7.90
C ALA B 10 -0.19 15.29 8.67
N SER B 11 0.90 14.62 9.05
CA SER B 11 0.76 13.38 9.80
C SER B 11 0.01 13.60 11.10
N ALA B 12 0.35 14.69 11.83
CA ALA B 12 -0.32 14.97 13.09
C ALA B 12 -1.80 15.25 12.90
N ALA B 13 -2.19 15.80 11.75
CA ALA B 13 -3.59 16.14 11.52
C ALA B 13 -4.46 14.90 11.26
N ARG B 14 -3.87 13.73 11.02
CA ARG B 14 -4.67 12.55 10.72
C ARG B 14 -5.55 12.16 11.90
N ASN B 15 -6.73 11.65 11.58
CA ASN B 15 -7.72 11.12 12.52
C ASN B 15 -8.15 9.73 12.07
N PRO B 16 -8.73 8.92 12.96
CA PRO B 16 -9.05 7.53 12.61
C PRO B 16 -10.18 7.38 11.59
N SER B 17 -10.07 6.30 10.75
CA SER B 17 -10.84 6.15 9.51
C SER B 17 -11.55 4.78 9.40
N PRO B 18 -12.14 4.40 8.20
CA PRO B 18 -13.39 3.61 8.21
C PRO B 18 -13.33 2.17 8.70
N ILE B 19 -14.44 1.45 8.52
CA ILE B 19 -14.65 0.11 9.05
C ILE B 19 -14.50 0.20 10.57
N ARG B 20 -15.22 1.14 11.18
CA ARG B 20 -15.03 1.51 12.58
C ARG B 20 -16.06 0.86 13.50
N THR B 21 -16.92 1.67 14.12
CA THR B 21 -17.86 1.21 15.13
C THR B 21 -18.96 0.35 14.51
N MET B 22 -18.58 -0.79 13.96
CA MET B 22 -19.52 -1.71 13.31
C MET B 22 -19.23 -3.14 13.73
N THR B 23 -17.96 -3.53 13.71
CA THR B 23 -17.53 -4.88 14.05
C THR B 23 -16.75 -4.89 15.37
N ASP B 24 -17.03 -3.94 16.25
CA ASP B 24 -16.46 -3.92 17.60
C ASP B 24 -17.55 -3.82 18.67
N ILE B 25 -18.56 -2.98 18.45
CA ILE B 25 -19.74 -3.01 19.31
C ILE B 25 -20.56 -4.27 19.05
N LEU B 26 -20.36 -4.91 17.89
CA LEU B 26 -20.96 -6.20 17.59
C LEU B 26 -20.04 -7.36 17.93
N SER B 27 -18.75 -7.11 18.13
CA SER B 27 -17.79 -8.13 18.52
C SER B 27 -17.77 -8.37 20.03
N ARG B 28 -18.62 -7.69 20.79
CA ARG B 28 -18.74 -7.93 22.23
C ARG B 28 -20.19 -7.96 22.71
N GLY B 29 -21.14 -7.43 21.97
CA GLY B 29 -22.52 -7.43 22.39
C GLY B 29 -23.17 -8.79 22.23
N PRO B 30 -24.46 -8.84 22.57
CA PRO B 30 -25.18 -10.12 22.50
C PRO B 30 -25.32 -10.61 21.06
N LYS B 31 -25.42 -11.93 20.92
CA LYS B 31 -25.60 -12.56 19.63
C LYS B 31 -26.95 -12.24 18.99
N SER B 32 -27.84 -11.56 19.72
CA SER B 32 -29.14 -11.17 19.21
C SER B 32 -29.16 -9.75 18.67
N MET B 33 -28.00 -9.16 18.44
CA MET B 33 -27.90 -7.75 18.04
C MET B 33 -27.90 -7.66 16.52
N ILE B 34 -28.85 -6.92 15.96
CA ILE B 34 -28.90 -6.64 14.53
C ILE B 34 -28.10 -5.37 14.27
N SER B 35 -27.25 -5.41 13.26
CA SER B 35 -26.44 -4.24 12.88
C SER B 35 -26.56 -4.03 11.37
N LEU B 36 -27.37 -3.05 10.98
CA LEU B 36 -27.36 -2.52 9.62
C LEU B 36 -26.39 -1.35 9.48
N ALA B 37 -25.36 -1.28 10.32
CA ALA B 37 -24.44 -0.16 10.36
C ALA B 37 -23.10 -0.43 9.69
N GLY B 38 -22.87 -1.65 9.21
CA GLY B 38 -21.58 -2.01 8.65
C GLY B 38 -21.50 -1.77 7.16
N GLY B 39 -20.28 -1.51 6.69
CA GLY B 39 -20.05 -1.25 5.28
C GLY B 39 -19.40 -2.40 4.54
N LEU B 40 -19.62 -3.62 5.02
CA LEU B 40 -18.94 -4.80 4.47
C LEU B 40 -19.77 -5.40 3.34
N PRO B 41 -19.17 -5.71 2.19
CA PRO B 41 -19.91 -6.40 1.13
C PRO B 41 -20.16 -7.85 1.50
N ASN B 42 -21.27 -8.38 0.99
CA ASN B 42 -21.67 -9.74 1.34
C ASN B 42 -20.68 -10.73 0.74
N PRO B 43 -19.92 -11.48 1.55
CA PRO B 43 -18.87 -12.34 0.99
C PRO B 43 -19.40 -13.58 0.28
N ASN B 44 -20.66 -13.93 0.45
CA ASN B 44 -21.20 -15.08 -0.25
C ASN B 44 -21.30 -14.84 -1.75
N MET B 45 -21.22 -13.59 -2.18
CA MET B 45 -21.15 -13.28 -3.59
C MET B 45 -19.75 -13.51 -4.18
N PHE B 46 -18.73 -13.71 -3.34
CA PHE B 46 -17.37 -13.84 -3.84
C PHE B 46 -17.13 -15.24 -4.43
N PRO B 47 -16.43 -15.35 -5.58
CA PRO B 47 -16.45 -16.59 -6.36
C PRO B 47 -15.44 -17.65 -5.96
N PHE B 48 -14.40 -17.30 -5.21
CA PHE B 48 -13.48 -18.30 -4.69
C PHE B 48 -14.09 -18.90 -3.41
N LYS B 49 -14.10 -20.23 -3.32
CA LYS B 49 -14.85 -20.92 -2.26
C LYS B 49 -13.98 -21.70 -1.30
N THR B 50 -12.96 -22.41 -1.77
CA THR B 50 -12.04 -23.10 -0.87
C THR B 50 -10.64 -23.05 -1.45
N ALA B 51 -9.65 -23.31 -0.58
CA ALA B 51 -8.25 -23.35 -1.00
C ALA B 51 -7.50 -24.44 -0.26
N VAL B 52 -6.55 -25.04 -0.96
CA VAL B 52 -5.59 -25.99 -0.40
C VAL B 52 -4.22 -25.58 -0.89
N ILE B 53 -3.28 -25.43 0.04
CA ILE B 53 -1.94 -24.91 -0.24
C ILE B 53 -0.94 -25.85 0.42
N THR B 54 -0.13 -26.54 -0.38
CA THR B 54 0.82 -27.49 0.18
C THR B 54 2.07 -26.76 0.66
N VAL B 55 2.67 -27.31 1.70
CA VAL B 55 3.78 -26.68 2.41
C VAL B 55 4.90 -27.69 2.55
N GLU B 56 6.12 -27.28 2.22
CA GLU B 56 7.30 -28.11 2.44
C GLU B 56 7.76 -27.97 3.88
N ASN B 57 7.94 -29.11 4.56
CA ASN B 57 8.28 -29.14 5.98
C ASN B 57 7.16 -28.53 6.83
N GLY B 58 5.92 -28.80 6.46
CA GLY B 58 4.79 -28.28 7.20
C GLY B 58 3.50 -28.92 6.76
N LYS B 59 2.50 -28.81 7.64
CA LYS B 59 1.15 -29.29 7.34
C LYS B 59 0.56 -28.51 6.17
N THR B 60 -0.19 -29.19 5.31
CA THR B 60 -0.90 -28.48 4.25
C THR B 60 -1.88 -27.49 4.85
N ILE B 61 -2.03 -26.35 4.20
CA ILE B 61 -2.91 -25.29 4.66
C ILE B 61 -4.23 -25.40 3.91
N GLN B 62 -5.33 -25.36 4.65
CA GLN B 62 -6.67 -25.48 4.09
C GLN B 62 -7.51 -24.29 4.49
N PHE B 63 -8.13 -23.64 3.50
CA PHE B 63 -9.15 -22.63 3.75
C PHE B 63 -10.49 -23.28 3.38
N GLY B 64 -11.23 -23.71 4.39
CA GLY B 64 -12.59 -24.15 4.17
C GLY B 64 -13.50 -22.98 3.88
N GLU B 65 -14.80 -23.28 3.73
CA GLU B 65 -15.76 -22.27 3.32
C GLU B 65 -15.69 -21.03 4.19
N GLU B 66 -15.79 -21.18 5.51
CA GLU B 66 -15.86 -20.01 6.38
C GLU B 66 -14.51 -19.29 6.43
N MET B 67 -13.42 -20.05 6.51
CA MET B 67 -12.10 -19.42 6.51
C MET B 67 -11.85 -18.68 5.20
N MET B 68 -12.36 -19.21 4.07
CA MET B 68 -12.19 -18.51 2.80
C MET B 68 -12.99 -17.22 2.77
N LYS B 69 -14.21 -17.23 3.32
CA LYS B 69 -14.97 -15.99 3.36
C LYS B 69 -14.24 -14.93 4.16
N ARG B 70 -13.62 -15.33 5.28
CA ARG B 70 -12.83 -14.37 6.04
C ARG B 70 -11.65 -13.86 5.22
N ALA B 71 -10.98 -14.76 4.48
CA ALA B 71 -9.79 -14.36 3.72
C ALA B 71 -10.13 -13.37 2.62
N LEU B 72 -11.36 -13.42 2.11
CA LEU B 72 -11.78 -12.55 1.01
C LEU B 72 -12.42 -11.25 1.47
N GLN B 73 -12.47 -10.99 2.78
CA GLN B 73 -13.16 -9.85 3.37
C GLN B 73 -12.15 -8.89 4.02
N TYR B 74 -12.60 -7.66 4.25
CA TYR B 74 -11.75 -6.67 4.93
C TYR B 74 -11.29 -7.19 6.29
N SER B 75 -10.20 -6.60 6.79
CA SER B 75 -9.63 -6.96 8.06
C SER B 75 -8.92 -5.73 8.63
N PRO B 76 -8.46 -5.79 9.88
CA PRO B 76 -7.97 -4.57 10.53
C PRO B 76 -6.72 -3.98 9.87
N SER B 77 -6.59 -2.67 10.00
CA SER B 77 -5.52 -1.96 9.31
C SER B 77 -4.14 -2.39 9.80
N ALA B 78 -4.01 -2.69 11.10
CA ALA B 78 -2.73 -3.08 11.66
C ALA B 78 -2.36 -4.53 11.37
N GLY B 79 -3.32 -5.33 10.90
CA GLY B 79 -3.12 -6.74 10.68
C GLY B 79 -4.15 -7.59 11.40
N ILE B 80 -4.21 -8.86 10.99
CA ILE B 80 -5.14 -9.78 11.67
C ILE B 80 -4.61 -10.10 13.07
N PRO B 81 -5.48 -10.29 14.06
CA PRO B 81 -5.00 -10.33 15.45
C PRO B 81 -4.08 -11.51 15.75
N GLU B 82 -4.32 -12.68 15.16
CA GLU B 82 -3.51 -13.83 15.50
C GLU B 82 -2.10 -13.70 14.94
N LEU B 83 -1.93 -12.97 13.83
CA LEU B 83 -0.59 -12.73 13.30
C LEU B 83 0.15 -11.69 14.16
N LEU B 84 -0.54 -10.62 14.52
CA LEU B 84 0.06 -9.62 15.41
C LEU B 84 0.48 -10.23 16.74
N SER B 85 -0.35 -11.12 17.29
CA SER B 85 0.00 -11.71 18.58
C SER B 85 1.22 -12.62 18.46
N TRP B 86 1.29 -13.43 17.41
CA TRP B 86 2.45 -14.29 17.22
C TRP B 86 3.71 -13.45 17.05
N LEU B 87 3.62 -12.42 16.18
CA LEU B 87 4.79 -11.62 15.87
C LEU B 87 5.27 -10.87 17.09
N LYS B 88 4.33 -10.37 17.90
CA LYS B 88 4.74 -9.68 19.13
C LYS B 88 5.51 -10.62 20.04
N GLN B 89 5.06 -11.86 20.18
CA GLN B 89 5.82 -12.80 21.00
C GLN B 89 7.17 -13.11 20.37
N LEU B 90 7.23 -13.19 19.04
CA LEU B 90 8.52 -13.38 18.39
C LEU B 90 9.46 -12.23 18.72
N GLN B 91 8.98 -10.99 18.64
CA GLN B 91 9.85 -9.84 18.92
C GLN B 91 10.32 -9.85 20.36
N ILE B 92 9.46 -10.27 21.29
CA ILE B 92 9.86 -10.38 22.68
C ILE B 92 10.94 -11.45 22.83
N LYS B 93 10.78 -12.58 22.15
CA LYS B 93 11.78 -13.64 22.22
C LYS B 93 13.10 -13.19 21.63
N LEU B 94 13.07 -12.59 20.44
CA LEU B 94 14.30 -12.28 19.71
C LEU B 94 15.01 -11.03 20.24
N HIS B 95 14.27 -10.07 20.79
CA HIS B 95 14.82 -8.75 21.07
C HIS B 95 14.51 -8.22 22.47
N ASN B 96 13.63 -8.89 23.24
CA ASN B 96 13.19 -8.45 24.57
C ASN B 96 13.23 -6.93 24.68
N PRO B 97 12.46 -6.21 23.88
CA PRO B 97 12.63 -4.75 23.82
C PRO B 97 12.30 -4.12 25.16
N PRO B 98 13.07 -3.14 25.62
CA PRO B 98 12.80 -2.53 26.93
C PRO B 98 11.42 -1.90 27.06
N THR B 99 10.76 -1.60 25.94
CA THR B 99 9.56 -0.78 25.91
C THR B 99 8.27 -1.56 26.08
N ILE B 100 8.33 -2.87 26.29
CA ILE B 100 7.13 -3.71 26.20
C ILE B 100 6.03 -3.18 27.12
N HIS B 101 6.38 -2.74 28.32
CA HIS B 101 5.38 -2.37 29.32
C HIS B 101 5.41 -0.88 29.64
N TYR B 102 5.99 -0.06 28.77
CA TYR B 102 5.92 1.38 28.95
C TYR B 102 4.47 1.86 28.77
N PRO B 103 4.14 3.02 29.31
CA PRO B 103 2.87 3.66 28.94
C PRO B 103 2.87 3.98 27.46
N PRO B 104 1.72 3.86 26.80
CA PRO B 104 1.68 4.17 25.35
C PRO B 104 2.39 5.46 24.99
N SER B 105 2.05 6.55 25.70
CA SER B 105 2.54 7.87 25.31
C SER B 105 4.06 7.98 25.36
N GLN B 106 4.74 7.10 26.09
CA GLN B 106 6.19 7.16 26.21
C GLN B 106 6.87 5.97 25.52
N GLY B 107 6.21 5.39 24.53
CA GLY B 107 6.87 4.50 23.59
C GLY B 107 6.60 3.02 23.75
N GLN B 108 5.49 2.63 24.36
CA GLN B 108 5.14 1.22 24.47
C GLN B 108 5.29 0.54 23.12
N MET B 109 5.94 -0.62 23.11
CA MET B 109 6.12 -1.39 21.88
C MET B 109 4.78 -1.67 21.20
N ASP B 110 4.75 -1.45 19.89
CA ASP B 110 3.54 -1.66 19.11
C ASP B 110 3.94 -2.16 17.73
N LEU B 111 3.09 -3.03 17.16
CA LEU B 111 3.38 -3.65 15.87
C LEU B 111 2.31 -3.27 14.85
N CYS B 112 2.74 -3.18 13.58
CA CYS B 112 1.84 -2.99 12.45
C CYS B 112 2.29 -3.88 11.31
N VAL B 113 1.44 -4.81 10.88
CA VAL B 113 1.68 -5.55 9.64
C VAL B 113 1.48 -4.59 8.47
N THR B 114 2.42 -4.60 7.53
CA THR B 114 2.39 -3.71 6.38
C THR B 114 2.42 -4.53 5.10
N SER B 115 2.04 -3.89 3.99
CA SER B 115 2.03 -4.57 2.70
C SER B 115 3.45 -4.51 2.18
N GLY B 116 4.29 -5.39 2.72
CA GLY B 116 5.73 -5.30 2.54
C GLY B 116 6.36 -4.32 3.52
N SER B 117 7.58 -4.65 3.94
CA SER B 117 8.25 -3.77 4.89
C SER B 117 8.49 -2.39 4.29
N GLN B 118 8.72 -2.31 2.98
CA GLN B 118 8.99 -1.02 2.36
C GLN B 118 7.81 -0.05 2.49
N GLN B 119 6.58 -0.54 2.47
CA GLN B 119 5.44 0.35 2.71
C GLN B 119 5.55 1.00 4.08
N GLY B 120 5.88 0.20 5.10
CA GLY B 120 6.06 0.78 6.43
C GLY B 120 7.14 1.84 6.45
N LEU B 121 8.28 1.55 5.83
CA LEU B 121 9.37 2.51 5.80
C LEU B 121 8.96 3.80 5.09
N CYS B 122 8.26 3.68 3.96
CA CYS B 122 7.86 4.85 3.21
C CYS B 122 6.96 5.74 4.06
N LYS B 123 6.00 5.13 4.75
CA LYS B 123 5.06 5.90 5.55
C LYS B 123 5.74 6.48 6.78
N VAL B 124 6.79 5.83 7.27
CA VAL B 124 7.61 6.41 8.33
C VAL B 124 8.33 7.65 7.83
N PHE B 125 9.00 7.55 6.68
CA PHE B 125 9.67 8.70 6.09
C PHE B 125 8.70 9.86 5.86
N GLU B 126 7.51 9.56 5.35
CA GLU B 126 6.51 10.60 5.13
C GLU B 126 6.01 11.20 6.44
N MET B 127 5.92 10.38 7.50
CA MET B 127 5.48 10.86 8.79
C MET B 127 6.44 11.91 9.37
N ILE B 128 7.74 11.78 9.10
CA ILE B 128 8.76 12.54 9.80
C ILE B 128 9.22 13.76 8.99
N ILE B 129 9.46 13.62 7.70
CA ILE B 129 10.35 14.52 6.97
C ILE B 129 9.60 15.74 6.45
N ASN B 130 10.06 16.95 6.86
CA ASN B 130 9.73 18.21 6.24
C ASN B 130 10.82 18.61 5.25
N PRO B 131 10.48 19.34 4.18
CA PRO B 131 11.52 19.81 3.27
C PRO B 131 12.60 20.57 4.02
N GLY B 132 13.86 20.23 3.74
CA GLY B 132 14.99 20.83 4.41
C GLY B 132 15.45 20.10 5.65
N ASP B 133 14.67 19.15 6.17
CA ASP B 133 15.11 18.36 7.31
C ASP B 133 16.40 17.63 6.99
N ASN B 134 17.21 17.43 8.01
CA ASN B 134 18.46 16.68 7.90
C ASN B 134 18.25 15.25 8.39
N VAL B 135 18.73 14.28 7.60
CA VAL B 135 18.67 12.87 7.96
C VAL B 135 20.03 12.25 7.72
N LEU B 136 20.32 11.19 8.48
CA LEU B 136 21.64 10.54 8.47
C LEU B 136 21.50 9.11 8.00
N LEU B 137 22.42 8.69 7.13
CA LEU B 137 22.46 7.30 6.68
C LEU B 137 23.84 7.03 6.06
N ASP B 138 24.15 5.74 5.92
CA ASP B 138 25.39 5.33 5.28
C ASP B 138 25.15 5.01 3.80
N GLU B 139 26.05 5.49 2.95
CA GLU B 139 26.08 5.09 1.54
C GLU B 139 27.24 4.12 1.35
N PRO B 140 27.11 3.15 0.43
CA PRO B 140 25.97 2.87 -0.46
C PRO B 140 24.77 2.33 0.29
N ALA B 141 23.58 2.58 -0.28
CA ALA B 141 22.35 2.18 0.36
C ALA B 141 21.42 1.57 -0.68
N TYR B 142 20.40 0.88 -0.18
CA TYR B 142 19.35 0.35 -1.04
C TYR B 142 18.77 1.46 -1.90
N SER B 143 18.76 1.22 -3.22
CA SER B 143 18.33 2.27 -4.14
C SER B 143 16.90 2.70 -3.85
N GLY B 144 16.07 1.78 -3.36
CA GLY B 144 14.68 2.13 -3.09
C GLY B 144 14.54 3.15 -1.97
N THR B 145 15.39 3.06 -0.94
CA THR B 145 15.40 4.07 0.12
C THR B 145 15.76 5.44 -0.45
N LEU B 146 16.82 5.49 -1.27
CA LEU B 146 17.24 6.76 -1.83
C LEU B 146 16.17 7.35 -2.74
N GLN B 147 15.47 6.52 -3.51
CA GLN B 147 14.43 7.06 -4.38
C GLN B 147 13.18 7.45 -3.60
N SER B 148 12.95 6.85 -2.44
CA SER B 148 11.86 7.29 -1.57
C SER B 148 12.18 8.61 -0.89
N LEU B 149 13.43 8.78 -0.45
CA LEU B 149 13.84 9.98 0.27
C LEU B 149 13.97 11.19 -0.64
N HIS B 150 14.38 10.98 -1.88
CA HIS B 150 14.65 12.11 -2.78
C HIS B 150 13.49 13.09 -2.88
N PRO B 151 12.26 12.68 -3.20
CA PRO B 151 11.18 13.66 -3.39
C PRO B 151 10.74 14.34 -2.11
N LEU B 152 11.09 13.82 -0.94
CA LEU B 152 10.69 14.44 0.32
C LEU B 152 11.50 15.68 0.65
N GLY B 153 12.58 15.93 -0.09
CA GLY B 153 13.31 17.18 0.05
C GLY B 153 14.19 17.29 1.27
N CYS B 154 14.60 16.17 1.86
CA CYS B 154 15.51 16.21 2.99
C CYS B 154 16.96 16.29 2.48
N ASN B 155 17.83 16.78 3.36
CA ASN B 155 19.27 16.73 3.14
C ASN B 155 19.78 15.41 3.71
N ILE B 156 20.24 14.53 2.84
CA ILE B 156 20.86 13.28 3.27
C ILE B 156 22.31 13.58 3.60
N ILE B 157 22.70 13.29 4.83
CA ILE B 157 24.07 13.50 5.30
C ILE B 157 24.71 12.12 5.41
N ASN B 158 25.72 11.88 4.58
CA ASN B 158 26.40 10.60 4.57
C ASN B 158 27.21 10.42 5.85
N VAL B 159 26.98 9.31 6.53
CA VAL B 159 27.81 8.87 7.65
C VAL B 159 28.80 7.84 7.12
N ALA B 160 30.07 8.01 7.45
CA ALA B 160 31.09 7.10 6.92
C ALA B 160 30.86 5.68 7.44
N SER B 161 31.19 4.71 6.59
CA SER B 161 31.00 3.31 6.92
C SER B 161 32.21 2.52 6.42
N ASP B 162 32.43 1.36 7.04
CA ASP B 162 33.46 0.44 6.59
C ASP B 162 32.91 -0.98 6.66
N GLU B 163 33.79 -1.97 6.81
CA GLU B 163 33.32 -3.35 6.80
C GLU B 163 32.53 -3.72 8.04
N SER B 164 32.54 -2.87 9.07
CA SER B 164 31.76 -3.11 10.28
C SER B 164 30.55 -2.18 10.37
N GLY B 165 30.08 -1.66 9.25
CA GLY B 165 28.94 -0.76 9.22
C GLY B 165 29.34 0.67 9.50
N ILE B 166 28.33 1.46 9.90
CA ILE B 166 28.55 2.85 10.24
C ILE B 166 29.72 2.99 11.23
N VAL B 167 30.54 4.02 11.02
CA VAL B 167 31.68 4.29 11.90
C VAL B 167 31.25 5.35 12.92
N PRO B 168 31.16 5.01 14.22
CA PRO B 168 30.67 6.01 15.19
C PRO B 168 31.45 7.31 15.21
N ASP B 169 32.78 7.27 15.03
CA ASP B 169 33.55 8.51 15.06
C ASP B 169 33.11 9.48 13.97
N SER B 170 32.71 8.96 12.81
CA SER B 170 32.17 9.83 11.76
C SER B 170 30.83 10.42 12.18
N LEU B 171 29.96 9.59 12.74
CA LEU B 171 28.68 10.08 13.26
C LEU B 171 28.91 11.14 14.34
N ARG B 172 29.86 10.90 15.23
CA ARG B 172 30.14 11.85 16.30
C ARG B 172 30.61 13.18 15.73
N ASP B 173 31.53 13.14 14.76
CA ASP B 173 32.05 14.37 14.17
C ASP B 173 30.94 15.15 13.46
N ILE B 174 30.09 14.46 12.71
CA ILE B 174 28.96 15.11 12.05
C ILE B 174 28.08 15.83 13.06
N LEU B 175 27.77 15.15 14.17
CA LEU B 175 26.86 15.72 15.16
C LEU B 175 27.47 16.90 15.89
N SER B 176 28.81 17.00 15.93
CA SER B 176 29.45 18.13 16.58
C SER B 176 29.06 19.46 15.94
N ARG B 177 28.48 19.42 14.73
CA ARG B 177 27.98 20.63 14.08
C ARG B 177 26.86 21.28 14.87
N TRP B 178 26.20 20.52 15.76
CA TRP B 178 25.10 21.03 16.56
C TRP B 178 25.45 20.93 18.03
N LYS B 179 24.70 21.65 18.83
CA LYS B 179 24.65 21.35 20.23
C LYS B 179 23.42 20.52 20.55
N PRO B 180 23.49 19.65 21.57
CA PRO B 180 22.33 18.80 21.89
C PRO B 180 21.05 19.56 22.13
N GLU B 181 21.11 20.64 22.92
CA GLU B 181 19.91 21.40 23.21
C GLU B 181 19.31 22.00 21.94
N ASP B 182 20.05 22.03 20.84
CA ASP B 182 19.44 22.42 19.57
C ASP B 182 18.31 21.48 19.18
N ALA B 183 18.31 20.25 19.69
CA ALA B 183 17.23 19.31 19.40
C ALA B 183 15.90 19.78 19.98
N LYS B 184 15.92 20.71 20.93
CA LYS B 184 14.72 21.32 21.48
C LYS B 184 14.43 22.68 20.88
N ASN B 185 15.10 23.01 19.78
CA ASN B 185 15.03 24.31 19.15
C ASN B 185 15.09 24.09 17.64
N PRO B 186 13.94 23.91 16.98
CA PRO B 186 13.96 23.46 15.59
C PRO B 186 14.55 24.46 14.60
N GLN B 187 15.09 25.59 15.08
CA GLN B 187 15.50 26.65 14.17
C GLN B 187 16.73 26.27 13.35
N LYS B 188 17.66 25.50 13.91
CA LYS B 188 18.81 25.04 13.12
C LYS B 188 18.87 23.52 13.04
N ASN B 189 17.71 22.86 13.05
CA ASN B 189 17.48 21.70 12.20
C ASN B 189 18.45 20.55 12.52
N THR B 190 18.39 20.07 13.76
CA THR B 190 19.15 18.88 14.10
C THR B 190 18.58 17.67 13.36
N PRO B 191 19.39 16.65 13.09
CA PRO B 191 18.89 15.50 12.33
C PRO B 191 17.70 14.83 13.01
N LYS B 192 16.67 14.55 12.21
CA LYS B 192 15.48 13.89 12.70
C LYS B 192 15.71 12.41 12.97
N PHE B 193 16.53 11.76 12.15
CA PHE B 193 16.72 10.33 12.35
C PHE B 193 17.99 9.87 11.65
N LEU B 194 18.42 8.68 12.06
CA LEU B 194 19.46 7.90 11.39
C LEU B 194 18.83 6.61 10.88
N TYR B 195 19.03 6.35 9.59
CA TYR B 195 18.58 5.13 8.93
C TYR B 195 19.80 4.29 8.59
N THR B 196 19.70 2.98 8.79
CA THR B 196 20.74 2.07 8.32
C THR B 196 20.14 0.68 8.18
N VAL B 197 20.79 -0.13 7.34
CA VAL B 197 20.52 -1.55 7.26
C VAL B 197 21.63 -2.23 8.04
N PRO B 198 21.35 -2.74 9.26
CA PRO B 198 22.46 -3.19 10.13
C PRO B 198 23.00 -4.57 9.82
N ASN B 199 22.31 -5.39 9.03
CA ASN B 199 22.78 -6.72 8.67
C ASN B 199 22.71 -6.92 7.16
N GLY B 200 23.83 -7.34 6.58
CA GLY B 200 23.89 -7.60 5.15
C GLY B 200 23.37 -6.47 4.31
N ASN B 201 23.91 -5.26 4.51
CA ASN B 201 23.58 -4.10 3.69
C ASN B 201 23.55 -4.46 2.21
N ASN B 202 22.52 -3.98 1.53
CA ASN B 202 22.45 -4.04 0.08
C ASN B 202 22.96 -2.69 -0.39
N PRO B 203 24.11 -2.66 -1.10
CA PRO B 203 24.84 -3.71 -1.81
C PRO B 203 26.11 -4.28 -1.15
N THR B 204 26.58 -3.77 -0.01
CA THR B 204 27.95 -4.08 0.44
C THR B 204 28.08 -5.45 1.07
N GLY B 205 27.01 -5.97 1.67
CA GLY B 205 27.10 -7.19 2.44
C GLY B 205 27.63 -7.03 3.84
N ASN B 206 27.91 -5.80 4.28
CA ASN B 206 28.52 -5.54 5.58
C ASN B 206 27.45 -5.45 6.67
N SER B 207 27.87 -5.73 7.90
CA SER B 207 26.99 -5.70 9.06
C SER B 207 27.62 -4.89 10.18
N LEU B 208 26.75 -4.24 10.97
CA LEU B 208 27.18 -3.54 12.17
C LEU B 208 27.57 -4.50 13.27
N THR B 209 28.45 -4.05 14.15
CA THR B 209 28.84 -4.79 15.33
C THR B 209 28.01 -4.37 16.54
N SER B 210 27.98 -5.23 17.55
CA SER B 210 27.26 -4.93 18.78
C SER B 210 27.79 -3.64 19.41
N GLU B 211 29.11 -3.48 19.46
CA GLU B 211 29.70 -2.36 20.18
C GLU B 211 29.39 -1.04 19.48
N ARG B 212 29.38 -1.03 18.15
CA ARG B 212 29.06 0.22 17.46
C ARG B 212 27.58 0.58 17.60
N LYS B 213 26.69 -0.43 17.61
CA LYS B 213 25.28 -0.15 17.85
C LYS B 213 25.07 0.57 19.18
N LYS B 214 25.73 0.09 20.24
CA LYS B 214 25.64 0.76 21.55
C LYS B 214 26.12 2.19 21.47
N GLU B 215 27.28 2.41 20.86
CA GLU B 215 27.83 3.75 20.70
C GLU B 215 26.86 4.65 19.94
N ILE B 216 26.36 4.17 18.81
CA ILE B 216 25.41 4.92 18.00
C ILE B 216 24.17 5.26 18.81
N TYR B 217 23.69 4.33 19.63
CA TYR B 217 22.47 4.61 20.39
C TYR B 217 22.69 5.72 21.40
N GLU B 218 23.84 5.75 22.07
CA GLU B 218 24.12 6.81 23.03
C GLU B 218 24.12 8.17 22.34
N LEU B 219 24.62 8.25 21.10
CA LEU B 219 24.58 9.51 20.36
C LEU B 219 23.16 9.88 19.97
N ALA B 220 22.34 8.89 19.61
CA ALA B 220 20.94 9.14 19.28
C ALA B 220 20.19 9.70 20.49
N ARG B 221 20.51 9.22 21.69
CA ARG B 221 19.93 9.80 22.89
C ARG B 221 20.43 11.22 23.11
N LYS B 222 21.74 11.40 22.96
CA LYS B 222 22.37 12.68 23.28
C LYS B 222 21.82 13.81 22.41
N TYR B 223 21.62 13.55 21.12
CA TYR B 223 21.11 14.54 20.18
C TYR B 223 19.65 14.27 19.82
N ASP B 224 19.00 13.38 20.55
CA ASP B 224 17.58 13.09 20.40
C ASP B 224 17.16 12.98 18.93
N PHE B 225 17.73 11.97 18.26
CA PHE B 225 17.20 11.60 16.96
C PHE B 225 16.69 10.16 17.01
N LEU B 226 15.83 9.83 16.06
CA LEU B 226 15.30 8.48 15.98
C LEU B 226 16.29 7.58 15.21
N ILE B 227 16.18 6.28 15.45
CA ILE B 227 16.90 5.27 14.68
C ILE B 227 15.85 4.46 13.91
N ILE B 228 15.95 4.47 12.59
CA ILE B 228 15.14 3.62 11.72
C ILE B 228 15.98 2.40 11.36
N GLU B 229 15.66 1.26 11.96
CA GLU B 229 16.40 0.02 11.81
C GLU B 229 15.70 -0.83 10.73
N ASP B 230 16.19 -0.73 9.50
CA ASP B 230 15.66 -1.46 8.35
C ASP B 230 16.44 -2.77 8.20
N ASP B 231 15.82 -3.88 8.62
CA ASP B 231 16.54 -5.14 8.88
C ASP B 231 15.96 -6.31 8.08
N PRO B 232 15.82 -6.18 6.76
CA PRO B 232 15.23 -7.27 5.98
C PRO B 232 16.11 -8.52 5.89
N TYR B 233 17.41 -8.41 6.15
CA TYR B 233 18.30 -9.57 6.15
C TYR B 233 18.61 -10.07 7.55
N TYR B 234 17.81 -9.67 8.53
CA TYR B 234 18.07 -10.07 9.91
C TYR B 234 18.09 -11.59 10.05
N PHE B 235 17.17 -12.28 9.35
CA PHE B 235 17.07 -13.73 9.38
C PHE B 235 17.96 -14.38 8.33
N LEU B 236 19.05 -13.72 7.95
CA LEU B 236 20.00 -14.26 6.98
C LEU B 236 21.43 -13.99 7.44
N GLN B 237 21.68 -14.10 8.74
CA GLN B 237 23.00 -13.87 9.30
C GLN B 237 23.80 -15.18 9.31
N PHE B 238 25.04 -15.11 8.83
CA PHE B 238 25.87 -16.30 8.71
C PHE B 238 26.69 -16.61 9.96
N ASN B 239 26.94 -15.62 10.80
CA ASN B 239 27.64 -15.82 12.07
C ASN B 239 26.82 -16.73 13.00
N LYS B 240 27.51 -17.37 13.96
CA LYS B 240 26.83 -18.29 14.87
C LYS B 240 25.76 -17.60 15.69
N PHE B 241 26.04 -16.37 16.13
CA PHE B 241 25.14 -15.63 17.01
C PHE B 241 24.68 -14.37 16.30
N ARG B 242 23.38 -14.06 16.42
CA ARG B 242 22.85 -12.84 15.84
C ARG B 242 23.23 -11.64 16.70
N VAL B 243 23.71 -10.59 16.05
CA VAL B 243 24.08 -9.38 16.80
C VAL B 243 22.82 -8.79 17.43
N PRO B 244 22.88 -8.33 18.69
CA PRO B 244 21.72 -7.62 19.26
C PRO B 244 21.30 -6.46 18.37
N THR B 245 20.00 -6.21 18.33
CA THR B 245 19.44 -5.16 17.48
C THR B 245 19.33 -3.84 18.24
N PHE B 246 19.15 -2.76 17.47
CA PHE B 246 18.86 -1.47 18.08
C PHE B 246 17.60 -1.56 18.94
N LEU B 247 16.55 -2.21 18.41
CA LEU B 247 15.31 -2.41 19.18
C LEU B 247 15.60 -3.05 20.53
N SER B 248 16.55 -3.98 20.60
CA SER B 248 16.79 -4.70 21.84
C SER B 248 17.37 -3.80 22.92
N MET B 249 17.94 -2.65 22.55
CA MET B 249 18.59 -1.75 23.50
C MET B 249 17.87 -0.40 23.60
N ASP B 250 16.61 -0.34 23.17
CA ASP B 250 15.88 0.92 23.00
C ASP B 250 15.14 1.28 24.29
N VAL B 251 15.90 1.73 25.28
CA VAL B 251 15.29 2.10 26.56
C VAL B 251 14.47 3.39 26.45
N ASP B 252 14.83 4.27 25.51
CA ASP B 252 14.10 5.54 25.38
C ASP B 252 12.78 5.37 24.63
N GLY B 253 12.71 4.44 23.68
CA GLY B 253 11.59 4.39 22.76
C GLY B 253 11.83 5.28 21.56
N ARG B 254 13.04 5.20 20.99
CA ARG B 254 13.41 6.00 19.83
C ARG B 254 13.75 5.16 18.61
N VAL B 255 13.50 3.85 18.63
CA VAL B 255 13.80 2.97 17.48
C VAL B 255 12.50 2.58 16.77
N ILE B 256 12.48 2.73 15.45
CA ILE B 256 11.45 2.16 14.60
C ILE B 256 12.12 1.08 13.78
N ARG B 257 11.66 -0.16 13.92
CA ARG B 257 12.28 -1.30 13.28
C ARG B 257 11.36 -1.83 12.19
N ALA B 258 11.96 -2.22 11.06
CA ALA B 258 11.25 -2.87 9.97
C ALA B 258 11.75 -4.29 9.83
N ASP B 259 10.84 -5.25 9.90
CA ASP B 259 11.13 -6.64 9.59
C ASP B 259 10.40 -7.05 8.32
N SER B 260 10.91 -8.11 7.69
CA SER B 260 10.34 -8.62 6.45
C SER B 260 10.42 -10.13 6.40
N PHE B 261 9.40 -10.73 5.79
CA PHE B 261 9.44 -12.13 5.37
C PHE B 261 9.72 -12.24 3.88
N SER B 262 10.06 -11.14 3.25
CA SER B 262 10.22 -11.05 1.83
C SER B 262 11.36 -11.92 1.31
N1 LLP B 263 15.49 -3.12 2.01
C2 LLP B 263 16.65 -3.65 1.45
C2' LLP B 263 18.04 -3.21 1.90
C3 LLP B 263 16.55 -4.71 0.37
O3 LLP B 263 17.74 -5.17 -0.16
C4 LLP B 263 15.18 -5.23 -0.07
C4' LLP B 263 15.03 -6.33 -1.14
C5 LLP B 263 14.01 -4.55 0.64
C6 LLP B 263 14.23 -3.56 1.62
C5' LLP B 263 12.59 -4.95 0.26
OP4 LLP B 263 11.64 -4.98 1.34
P LLP B 263 10.23 -5.82 1.24
OP1 LLP B 263 10.19 -6.63 2.57
OP2 LLP B 263 10.47 -6.74 0.05
OP3 LLP B 263 9.15 -4.77 0.90
N LLP B 263 12.44 -12.02 2.11
CA LLP B 263 13.63 -12.74 1.68
CB LLP B 263 14.92 -12.10 2.24
CG LLP B 263 15.00 -10.57 1.99
CD LLP B 263 14.98 -10.07 0.51
CE LLP B 263 15.00 -8.51 0.45
NZ LLP B 263 14.76 -7.82 -0.82
C LLP B 263 13.56 -14.22 2.06
O LLP B 263 14.19 -15.05 1.42
N ILE B 264 12.65 -14.66 3.07
CA ILE B 264 12.70 -16.01 3.62
C ILE B 264 11.41 -16.80 3.45
N ILE B 265 10.26 -16.13 3.29
CA ILE B 265 8.98 -16.82 3.16
C ILE B 265 8.26 -16.44 1.87
N SER B 266 8.17 -15.14 1.57
CA SER B 266 7.68 -14.71 0.28
C SER B 266 7.75 -13.20 0.06
N SER B 267 8.33 -12.78 -1.07
CA SER B 267 8.33 -11.39 -1.46
C SER B 267 7.05 -11.01 -2.18
N GLY B 268 6.49 -11.95 -2.97
CA GLY B 268 5.30 -11.67 -3.74
C GLY B 268 4.04 -11.49 -2.90
N LEU B 269 3.99 -12.07 -1.70
CA LEU B 269 2.81 -11.91 -0.85
C LEU B 269 2.75 -10.54 -0.16
N ARG B 270 3.82 -9.75 -0.20
CA ARG B 270 3.83 -8.39 0.33
C ARG B 270 3.36 -8.37 1.79
N ILE B 271 4.24 -8.88 2.64
CA ILE B 271 4.01 -8.90 4.08
C ILE B 271 5.32 -8.55 4.75
N GLY B 272 5.30 -7.50 5.57
CA GLY B 272 6.38 -7.16 6.47
C GLY B 272 5.71 -6.62 7.71
N PHE B 273 6.53 -6.12 8.64
CA PHE B 273 5.92 -5.49 9.80
C PHE B 273 6.88 -4.50 10.44
N LEU B 274 6.29 -3.45 11.02
CA LEU B 274 6.98 -2.46 11.83
C LEU B 274 6.83 -2.79 13.31
N THR B 275 7.90 -2.53 14.07
CA THR B 275 7.86 -2.56 15.53
C THR B 275 8.40 -1.23 16.04
N GLY B 276 7.66 -0.57 16.90
CA GLY B 276 8.14 0.70 17.40
C GLY B 276 7.24 1.37 18.41
N PRO B 277 7.62 2.58 18.80
CA PRO B 277 6.84 3.31 19.82
C PRO B 277 5.41 3.55 19.36
N LYS B 278 4.46 3.24 20.24
CA LYS B 278 3.06 3.27 19.83
C LYS B 278 2.62 4.59 19.20
N PRO B 279 3.05 5.75 19.67
CA PRO B 279 2.57 6.99 19.05
C PRO B 279 3.04 7.18 17.63
N LEU B 280 4.20 6.62 17.27
CA LEU B 280 4.66 6.73 15.89
C LEU B 280 4.00 5.66 15.01
N ILE B 281 3.86 4.44 15.54
CA ILE B 281 3.17 3.39 14.79
C ILE B 281 1.72 3.79 14.52
N GLU B 282 1.09 4.48 15.48
CA GLU B 282 -0.28 4.93 15.30
C GLU B 282 -0.39 5.86 14.09
N ARG B 283 0.58 6.75 13.90
CA ARG B 283 0.53 7.66 12.77
C ARG B 283 0.65 6.91 11.45
N VAL B 284 1.44 5.83 11.43
CA VAL B 284 1.54 5.01 10.23
C VAL B 284 0.22 4.30 9.97
N ILE B 285 -0.39 3.74 11.01
CA ILE B 285 -1.64 3.01 10.85
C ILE B 285 -2.73 3.93 10.28
N LEU B 286 -2.79 5.18 10.74
CA LEU B 286 -3.80 6.09 10.23
C LEU B 286 -3.60 6.35 8.74
N HIS B 287 -2.34 6.47 8.30
CA HIS B 287 -2.08 6.64 6.87
C HIS B 287 -2.48 5.39 6.10
N ILE B 288 -2.19 4.21 6.64
CA ILE B 288 -2.65 2.97 6.00
C ILE B 288 -4.17 2.95 5.92
N GLN B 289 -4.86 3.47 6.93
CA GLN B 289 -6.32 3.40 6.91
C GLN B 289 -6.95 4.14 5.73
N VAL B 290 -6.28 5.15 5.18
CA VAL B 290 -6.79 5.89 4.03
C VAL B 290 -6.05 5.50 2.75
N SER B 291 -5.23 4.44 2.79
CA SER B 291 -4.36 4.08 1.68
C SER B 291 -4.72 2.66 1.28
N THR B 292 -3.91 1.66 1.60
CA THR B 292 -4.22 0.26 1.30
C THR B 292 -5.33 -0.31 2.19
N LEU B 293 -5.67 0.37 3.29
CA LEU B 293 -6.65 -0.11 4.28
C LEU B 293 -6.08 -1.24 5.15
N HIS B 294 -5.51 -2.26 4.54
CA HIS B 294 -4.92 -3.36 5.28
C HIS B 294 -4.12 -4.24 4.33
N PRO B 295 -3.20 -5.05 4.85
CA PRO B 295 -2.56 -6.06 4.01
C PRO B 295 -3.56 -7.13 3.62
N SER B 296 -3.28 -7.80 2.50
CA SER B 296 -4.18 -8.86 2.02
C SER B 296 -4.54 -9.81 3.17
N THR B 297 -5.83 -9.94 3.44
CA THR B 297 -6.27 -10.85 4.48
C THR B 297 -5.86 -12.28 4.14
N PHE B 298 -6.06 -12.65 2.87
CA PHE B 298 -5.71 -13.99 2.39
C PHE B 298 -4.24 -14.31 2.68
N ASN B 299 -3.34 -13.41 2.31
CA ASN B 299 -1.92 -13.69 2.46
C ASN B 299 -1.50 -13.72 3.93
N GLN B 300 -2.10 -12.86 4.75
CA GLN B 300 -1.81 -12.89 6.19
C GLN B 300 -2.19 -14.23 6.80
N LEU B 301 -3.34 -14.79 6.40
CA LEU B 301 -3.78 -16.06 6.93
C LEU B 301 -2.87 -17.20 6.50
N MET B 302 -2.45 -17.19 5.23
CA MET B 302 -1.46 -18.16 4.78
C MET B 302 -0.27 -18.18 5.72
N ILE B 303 0.30 -17.00 5.98
CA ILE B 303 1.52 -16.92 6.77
C ILE B 303 1.23 -17.20 8.24
N SER B 304 0.13 -16.67 8.77
CA SER B 304 -0.19 -16.90 10.17
C SER B 304 -0.37 -18.39 10.46
N GLN B 305 -1.07 -19.11 9.58
CA GLN B 305 -1.28 -20.53 9.83
C GLN B 305 0.02 -21.31 9.68
N LEU B 306 0.84 -20.95 8.68
CA LEU B 306 2.17 -21.51 8.56
C LEU B 306 2.95 -21.35 9.86
N LEU B 307 3.02 -20.12 10.37
CA LEU B 307 3.83 -19.85 11.55
C LEU B 307 3.26 -20.54 12.79
N HIS B 308 1.93 -20.55 12.93
CA HIS B 308 1.34 -21.14 14.14
C HIS B 308 1.55 -22.65 14.16
N GLU B 309 1.47 -23.31 13.01
CA GLU B 309 1.77 -24.74 12.98
C GLU B 309 3.25 -24.99 13.23
N TRP B 310 4.12 -24.18 12.63
CA TRP B 310 5.56 -24.32 12.87
C TRP B 310 5.88 -24.13 14.35
N GLY B 311 5.19 -23.20 15.01
CA GLY B 311 5.65 -22.73 16.30
C GLY B 311 6.93 -21.96 16.14
N GLU B 312 7.41 -21.34 17.22
CA GLU B 312 8.67 -20.61 17.14
C GLU B 312 9.81 -21.54 16.75
N GLU B 313 9.74 -22.81 17.13
CA GLU B 313 10.82 -23.75 16.82
C GLU B 313 10.87 -24.05 15.33
N GLY B 314 9.71 -24.26 14.70
CA GLY B 314 9.70 -24.56 13.27
C GLY B 314 10.07 -23.36 12.42
N PHE B 315 9.65 -22.16 12.83
CA PHE B 315 10.09 -20.96 12.14
C PHE B 315 11.60 -20.82 12.20
N MET B 316 12.17 -20.90 13.40
CA MET B 316 13.62 -20.76 13.51
C MET B 316 14.35 -21.90 12.81
N ALA B 317 13.73 -23.08 12.71
CA ALA B 317 14.34 -24.15 11.94
C ALA B 317 14.34 -23.82 10.46
N HIS B 318 13.29 -23.16 9.98
CA HIS B 318 13.25 -22.69 8.60
C HIS B 318 14.37 -21.69 8.34
N VAL B 319 14.57 -20.72 9.23
CA VAL B 319 15.60 -19.71 8.97
C VAL B 319 16.97 -20.36 8.97
N ASP B 320 17.19 -21.39 9.77
CA ASP B 320 18.46 -22.12 9.73
C ASP B 320 18.63 -22.84 8.39
N ARG B 321 17.54 -23.37 7.83
CA ARG B 321 17.63 -23.95 6.50
C ARG B 321 18.02 -22.88 5.48
N VAL B 322 17.41 -21.69 5.56
CA VAL B 322 17.74 -20.64 4.62
C VAL B 322 19.16 -20.11 4.86
N ILE B 323 19.58 -20.02 6.13
CA ILE B 323 20.96 -19.61 6.42
C ILE B 323 21.95 -20.60 5.82
N ASP B 324 21.68 -21.89 5.99
CA ASP B 324 22.54 -22.91 5.40
C ASP B 324 22.71 -22.69 3.90
N PHE B 325 21.60 -22.44 3.20
CA PHE B 325 21.66 -22.33 1.74
C PHE B 325 22.45 -21.10 1.31
N TYR B 326 22.13 -19.94 1.89
CA TYR B 326 22.78 -18.71 1.46
C TYR B 326 24.25 -18.66 1.87
N SER B 327 24.60 -19.28 3.00
CA SER B 327 26.00 -19.27 3.42
C SER B 327 26.83 -20.19 2.55
N ASN B 328 26.25 -21.28 2.06
CA ASN B 328 26.94 -22.10 1.07
C ASN B 328 27.07 -21.39 -0.27
N GLN B 329 26.00 -20.69 -0.69
CA GLN B 329 26.11 -19.84 -1.88
C GLN B 329 27.21 -18.81 -1.69
N LYS B 330 27.28 -18.20 -0.50
CA LYS B 330 28.32 -17.22 -0.23
C LYS B 330 29.70 -17.84 -0.36
N ASP B 331 29.91 -19.00 0.25
CA ASP B 331 31.20 -19.67 0.15
C ASP B 331 31.55 -19.95 -1.31
N ALA B 332 30.54 -20.27 -2.11
CA ALA B 332 30.77 -20.60 -3.52
C ALA B 332 31.20 -19.38 -4.30
N ILE B 333 30.54 -18.24 -4.11
CA ILE B 333 30.90 -17.05 -4.89
C ILE B 333 32.24 -16.50 -4.41
N LEU B 334 32.59 -16.68 -3.14
CA LEU B 334 33.91 -16.27 -2.68
C LEU B 334 34.99 -17.15 -3.29
N ALA B 335 34.72 -18.45 -3.41
CA ALA B 335 35.66 -19.35 -4.06
C ALA B 335 35.90 -18.94 -5.52
N ALA B 336 34.82 -18.59 -6.23
CA ALA B 336 34.96 -18.16 -7.61
C ALA B 336 35.73 -16.84 -7.71
N ALA B 337 35.53 -15.96 -6.73
CA ALA B 337 36.24 -14.68 -6.74
C ALA B 337 37.73 -14.88 -6.48
N ASP B 338 38.08 -15.65 -5.45
CA ASP B 338 39.48 -15.96 -5.19
C ASP B 338 40.10 -16.58 -6.44
N LYS B 339 39.33 -17.44 -7.10
CA LYS B 339 39.85 -18.20 -8.23
C LYS B 339 40.24 -17.29 -9.38
N TRP B 340 39.36 -16.36 -9.73
CA TRP B 340 39.45 -15.61 -10.98
C TRP B 340 39.83 -14.15 -10.81
N LEU B 341 39.47 -13.51 -9.70
CA LEU B 341 39.84 -12.12 -9.47
C LEU B 341 41.21 -12.13 -8.83
N THR B 342 42.22 -11.78 -9.61
CA THR B 342 43.58 -12.27 -9.46
C THR B 342 44.50 -11.22 -8.88
N GLY B 343 44.03 -10.48 -7.87
CA GLY B 343 44.57 -9.16 -7.67
C GLY B 343 44.06 -8.22 -8.73
N LEU B 344 42.91 -8.55 -9.33
CA LEU B 344 42.18 -7.65 -10.19
C LEU B 344 41.12 -6.86 -9.44
N ALA B 345 40.73 -7.32 -8.25
CA ALA B 345 39.63 -6.71 -7.51
C ALA B 345 39.81 -6.97 -6.02
N GLU B 346 38.98 -6.30 -5.22
CA GLU B 346 38.96 -6.46 -3.77
C GLU B 346 37.54 -6.64 -3.28
N TRP B 347 37.39 -7.38 -2.19
CA TRP B 347 36.06 -7.62 -1.64
C TRP B 347 36.16 -8.06 -0.19
N HIS B 348 35.14 -7.71 0.58
CA HIS B 348 34.98 -8.17 1.95
C HIS B 348 34.03 -9.36 2.00
N VAL B 349 34.22 -10.23 2.97
CA VAL B 349 33.33 -11.38 3.14
C VAL B 349 31.96 -10.88 3.58
N PRO B 350 30.90 -11.19 2.87
CA PRO B 350 29.56 -10.81 3.35
C PRO B 350 29.25 -11.46 4.69
N ALA B 351 28.77 -10.65 5.64
CA ALA B 351 28.39 -11.16 6.95
C ALA B 351 26.96 -11.70 6.96
N ALA B 352 26.13 -11.30 6.00
CA ALA B 352 24.73 -11.69 5.94
C ALA B 352 24.22 -11.33 4.54
N GLY B 353 22.99 -11.75 4.25
CA GLY B 353 22.33 -11.30 3.04
C GLY B 353 22.63 -12.14 1.80
N MET B 354 22.61 -11.50 0.62
CA MET B 354 22.74 -12.26 -0.61
C MET B 354 23.58 -11.55 -1.68
N PHE B 355 24.42 -10.59 -1.29
CA PHE B 355 25.20 -9.82 -2.26
C PHE B 355 26.67 -9.81 -1.89
N LEU B 356 27.51 -9.89 -2.93
CA LEU B 356 28.94 -9.65 -2.84
C LEU B 356 29.27 -8.34 -3.55
N TRP B 357 30.13 -7.54 -2.93
CA TRP B 357 30.41 -6.16 -3.33
C TRP B 357 31.88 -6.12 -3.75
N ILE B 358 32.12 -5.91 -5.04
CA ILE B 358 33.43 -6.10 -5.65
C ILE B 358 33.97 -4.75 -6.09
N LYS B 359 35.15 -4.38 -5.61
CA LYS B 359 35.85 -3.19 -6.06
C LYS B 359 36.87 -3.59 -7.11
N VAL B 360 36.71 -3.07 -8.33
CA VAL B 360 37.61 -3.39 -9.43
C VAL B 360 38.79 -2.42 -9.39
N LYS B 361 40.01 -2.96 -9.47
CA LYS B 361 41.20 -2.14 -9.41
C LYS B 361 41.47 -1.48 -10.76
N GLY B 362 42.09 -0.30 -10.71
CA GLY B 362 42.60 0.35 -11.90
C GLY B 362 41.55 0.81 -12.89
N ILE B 363 40.28 0.90 -12.50
CA ILE B 363 39.23 1.45 -13.34
C ILE B 363 38.40 2.39 -12.48
N ASN B 364 38.12 3.58 -13.01
CA ASN B 364 37.40 4.59 -12.24
C ASN B 364 35.90 4.37 -12.27
N ASP B 365 35.37 3.83 -13.36
CA ASP B 365 33.94 3.58 -13.50
C ASP B 365 33.75 2.29 -14.26
N VAL B 366 32.84 1.45 -13.78
CA VAL B 366 32.63 0.12 -14.35
C VAL B 366 31.35 -0.01 -15.15
N LYS B 367 30.45 0.98 -15.10
CA LYS B 367 29.17 0.83 -15.78
C LYS B 367 29.34 0.81 -17.30
N GLU B 368 30.44 1.36 -17.81
CA GLU B 368 30.76 1.18 -19.23
C GLU B 368 31.42 -0.18 -19.46
N LEU B 369 32.13 -0.70 -18.46
CA LEU B 369 32.73 -2.02 -18.59
C LEU B 369 31.68 -3.12 -18.63
N ILE B 370 30.51 -2.89 -18.01
CA ILE B 370 29.47 -3.91 -17.91
C ILE B 370 28.41 -3.69 -18.99
N GLU B 371 27.71 -2.57 -18.91
CA GLU B 371 26.57 -2.32 -19.79
C GLU B 371 26.94 -2.29 -21.26
N GLU B 372 28.24 -2.27 -21.60
CA GLU B 372 28.69 -2.32 -22.99
C GLU B 372 29.45 -3.61 -23.28
N LYS B 373 30.57 -3.84 -22.60
CA LYS B 373 31.44 -4.95 -22.95
C LYS B 373 30.93 -6.28 -22.41
N ALA B 374 30.43 -6.30 -21.17
CA ALA B 374 30.07 -7.57 -20.54
C ALA B 374 28.76 -8.14 -21.07
N VAL B 375 27.80 -7.28 -21.41
CA VAL B 375 26.49 -7.76 -21.84
C VAL B 375 26.63 -8.66 -23.06
N LYS B 376 27.44 -8.26 -24.04
CA LYS B 376 27.60 -9.07 -25.25
C LYS B 376 28.44 -10.31 -25.00
N MET B 377 29.21 -10.34 -23.91
CA MET B 377 29.90 -11.56 -23.51
C MET B 377 29.00 -12.49 -22.69
N GLY B 378 27.73 -12.14 -22.50
CA GLY B 378 26.79 -13.01 -21.84
C GLY B 378 26.86 -13.01 -20.33
N VAL B 379 27.30 -11.91 -19.73
CA VAL B 379 27.39 -11.80 -18.28
C VAL B 379 26.91 -10.42 -17.87
N LEU B 380 26.25 -10.35 -16.71
CA LEU B 380 25.74 -9.09 -16.20
C LEU B 380 25.92 -9.05 -14.68
N MET B 381 26.48 -7.96 -14.19
CA MET B 381 26.53 -7.65 -12.77
C MET B 381 26.21 -6.17 -12.62
N LEU B 382 25.67 -5.79 -11.48
CA LEU B 382 25.05 -4.48 -11.35
C LEU B 382 26.08 -3.43 -10.97
N PRO B 383 26.28 -2.38 -11.79
CA PRO B 383 27.17 -1.30 -11.37
C PRO B 383 26.69 -0.63 -10.10
N GLY B 384 27.64 -0.16 -9.30
CA GLY B 384 27.35 0.37 -7.98
C GLY B 384 26.81 1.78 -7.92
N ASN B 385 26.76 2.49 -9.06
CA ASN B 385 26.31 3.88 -9.05
C ASN B 385 24.91 4.03 -8.47
N ALA B 386 24.03 3.06 -8.71
CA ALA B 386 22.63 3.21 -8.33
C ALA B 386 22.41 3.23 -6.84
N PHE B 387 23.41 2.89 -6.04
CA PHE B 387 23.26 2.80 -4.60
C PHE B 387 23.82 4.02 -3.87
N TYR B 388 24.06 5.12 -4.59
CA TYR B 388 24.55 6.35 -4.01
C TYR B 388 23.56 7.47 -4.29
N VAL B 389 23.53 8.47 -3.40
CA VAL B 389 22.68 9.63 -3.61
C VAL B 389 22.97 10.25 -4.97
N ASP B 390 24.24 10.54 -5.23
CA ASP B 390 24.69 11.05 -6.53
C ASP B 390 25.02 9.85 -7.40
N SER B 391 24.04 9.38 -8.17
CA SER B 391 24.25 8.19 -8.97
C SER B 391 24.96 8.48 -10.29
N SER B 392 25.28 9.75 -10.58
CA SER B 392 26.07 10.08 -11.76
C SER B 392 27.57 10.00 -11.52
N ALA B 393 28.01 10.01 -10.26
CA ALA B 393 29.43 9.91 -9.97
C ALA B 393 29.96 8.55 -10.42
N PRO B 394 31.24 8.45 -10.78
CA PRO B 394 31.77 7.16 -11.20
C PRO B 394 31.90 6.20 -10.02
N SER B 395 31.72 4.92 -10.31
CA SER B 395 31.80 3.89 -9.28
C SER B 395 32.65 2.74 -9.80
N PRO B 396 33.70 2.35 -9.08
CA PRO B 396 34.46 1.14 -9.44
C PRO B 396 33.90 -0.16 -8.90
N TYR B 397 32.69 -0.16 -8.33
CA TYR B 397 32.14 -1.31 -7.66
C TYR B 397 31.10 -2.03 -8.52
N LEU B 398 30.98 -3.34 -8.29
CA LEU B 398 29.92 -4.16 -8.85
C LEU B 398 29.25 -4.95 -7.74
N ARG B 399 27.92 -5.07 -7.83
CA ARG B 399 27.16 -5.89 -6.91
C ARG B 399 26.85 -7.22 -7.58
N ALA B 400 27.32 -8.31 -6.97
CA ALA B 400 27.12 -9.66 -7.50
C ALA B 400 26.20 -10.44 -6.58
N SER B 401 25.12 -10.98 -7.13
CA SER B 401 24.15 -11.73 -6.34
C SER B 401 24.55 -13.19 -6.27
N PHE B 402 24.55 -13.75 -5.06
CA PHE B 402 24.73 -15.19 -4.90
C PHE B 402 23.45 -15.90 -4.44
N SER B 403 22.29 -15.30 -4.69
CA SER B 403 21.05 -15.94 -4.26
C SER B 403 20.69 -17.18 -5.09
N SER B 404 21.12 -17.24 -6.36
CA SER B 404 20.56 -18.23 -7.29
C SER B 404 21.59 -19.04 -8.06
N ALA B 405 22.71 -18.41 -8.42
CA ALA B 405 23.60 -19.02 -9.40
C ALA B 405 24.27 -20.28 -8.86
N SER B 406 24.40 -21.28 -9.72
CA SER B 406 25.12 -22.48 -9.38
C SER B 406 26.62 -22.22 -9.40
N PRO B 407 27.41 -23.12 -8.79
CA PRO B 407 28.88 -22.94 -8.88
C PRO B 407 29.40 -22.91 -10.30
N GLU B 408 28.80 -23.71 -11.20
CA GLU B 408 29.20 -23.65 -12.61
C GLU B 408 29.00 -22.26 -13.16
N GLN B 409 27.81 -21.68 -12.94
CA GLN B 409 27.51 -20.36 -13.47
C GLN B 409 28.42 -19.30 -12.87
N MET B 410 28.73 -19.44 -11.57
CA MET B 410 29.66 -18.50 -10.95
C MET B 410 31.04 -18.61 -11.58
N ASP B 411 31.51 -19.82 -11.85
CA ASP B 411 32.82 -19.98 -12.46
C ASP B 411 32.89 -19.30 -13.83
N VAL B 412 31.91 -19.57 -14.69
CA VAL B 412 31.89 -18.92 -16.00
C VAL B 412 31.80 -17.40 -15.85
N ALA B 413 30.91 -16.93 -14.96
CA ALA B 413 30.69 -15.50 -14.84
C ALA B 413 31.97 -14.77 -14.42
N PHE B 414 32.63 -15.24 -13.37
CA PHE B 414 33.83 -14.56 -12.91
C PHE B 414 35.00 -14.76 -13.86
N GLN B 415 35.00 -15.85 -14.63
CA GLN B 415 35.91 -15.98 -15.77
C GLN B 415 35.78 -14.79 -16.71
N VAL B 416 34.57 -14.58 -17.22
CA VAL B 416 34.34 -13.50 -18.19
C VAL B 416 34.74 -12.17 -17.59
N LEU B 417 34.32 -11.92 -16.35
CA LEU B 417 34.64 -10.65 -15.71
C LEU B 417 36.14 -10.42 -15.68
N ALA B 418 36.90 -11.45 -15.26
CA ALA B 418 38.34 -11.31 -15.21
C ALA B 418 38.91 -10.91 -16.58
N GLN B 419 38.42 -11.53 -17.65
CA GLN B 419 38.93 -11.21 -18.98
C GLN B 419 38.66 -9.75 -19.33
N LEU B 420 37.50 -9.23 -18.93
CA LEU B 420 37.12 -7.88 -19.31
C LEU B 420 37.89 -6.83 -18.51
N ILE B 421 38.27 -7.14 -17.27
CA ILE B 421 39.12 -6.23 -16.50
C ILE B 421 40.49 -6.14 -17.12
N LYS B 422 41.09 -7.29 -17.43
CA LYS B 422 42.47 -7.31 -17.93
C LYS B 422 42.58 -6.57 -19.25
N GLU B 423 41.66 -6.82 -20.18
CA GLU B 423 41.74 -6.19 -21.49
C GLU B 423 41.22 -4.76 -21.49
N SER B 424 40.77 -4.25 -20.34
CA SER B 424 40.41 -2.84 -20.20
C SER B 424 41.49 -2.01 -19.54
N LEU B 425 42.41 -2.65 -18.82
CA LEU B 425 43.47 -1.94 -18.12
C LEU B 425 44.47 -1.31 -19.10
C10 7AR C . 16.64 -9.92 -2.03
N12 7AR C . 15.43 -5.35 -4.79
C13 7AR C . 16.39 -4.54 -4.44
C15 7AR C . 16.99 -4.02 -5.60
C17 7AR C . 16.67 -4.25 -7.97
C20 7AR C . 18.40 -2.81 -7.12
C21 7AR C . 18.04 -3.13 -5.83
O01 7AR C . 12.87 -4.81 -2.62
C02 7AR C . 13.23 -5.36 -3.70
O03 7AR C . 12.46 -5.38 -4.71
C04 7AR C . 14.61 -6.01 -3.78
C05 7AR C . 14.48 -7.50 -3.96
C06 7AR C . 15.63 -8.10 -3.18
C07 7AR C . 16.76 -7.34 -3.01
C08 7AR C . 17.84 -7.86 -2.34
C09 7AR C . 17.77 -9.17 -1.85
C11 7AR C . 15.56 -9.39 -2.70
O14 7AR C . 16.76 -4.27 -3.12
C16 7AR C . 16.30 -4.58 -6.66
C18 7AR C . 17.72 -3.36 -8.20
CL1 7AR C . 18.21 -2.92 -9.86
CL2 7AR C . 19.74 -1.67 -7.43
C23 7AR C . 15.31 -5.42 -6.10
O24 7AR C . 14.38 -6.19 -6.80
#